data_5UBP
#
_entry.id   5UBP
#
_cell.length_a   78.368
_cell.length_b   86.634
_cell.length_c   168.338
_cell.angle_alpha   90.00
_cell.angle_beta   90.00
_cell.angle_gamma   90.00
#
_symmetry.space_group_name_H-M   'P 21 21 21'
#
loop_
_entity.id
_entity.type
_entity.pdbx_description
1 polymer 'Leucine permease transcriptional regulator'
2 polymer 'Nuclear mRNA export protein THP1'
3 polymer '26S proteasome complex subunit SEM1'
4 water water
#
loop_
_entity_poly.entity_id
_entity_poly.type
_entity_poly.pdbx_seq_one_letter_code
_entity_poly.pdbx_strand_id
1 'polypeptide(L)'
;SGSPSYTENKPDKKKKYMINDAKTIQLVGPLISSPDNLGFQKRSHKARELPRFLINQEPQLEKRAFVQDPWDKANQEKMI
SLEESIDDLNELYETLKKMRNTERSIMEEKGLVDKADSAKDLYDAIVFQGTCLDMCPTFERSRRNVEYTVYSYEKNQPND
KKASRTKALKVFARPAAAAAPPLPSDVRPPHILVKTLDYIVDNLLTTLPESEGFLWDRMRSIRQDFTYQNYSGPEAVDCN
ERIVRIHLLILHIMVKSNVEFSLQQELEQLHKSLITLSEIYDDVRSSGGTCPNEAEFRAYALLSKIRDPQYDENIQRLPK
HIFQDKLVQMALCFRRVISNSAYTERGFVKTENCLNFYARFFQLMQSPSLPLLMGFFLQMHLTDIRFYALRALSHTLNKK
HKPIPFIYLENMLLFNNRQEIIEFCNYYSIEIINGDAADLKTLQHYSHKLSETQPLKKTYLTCLERRLQKTTYKGLINGG
ED
;
A
2 'polypeptide(L)'
;MDMANQLLDELAHGNFSHLTLNLSQNGREIAILQKQLTGFDDKQLETFVEQHPAMPNDTRFKIMCTSFLNYARDVDPWSA
WSSSDLIFEFYQCLINCLINDNAPHIEMLIPVATRETEFIINLAGKLDSFHLQLHTRSHQFLSHISSILSRLFNSIKPPR
GNASSTNIPGKQRILLYLVNKLNNIYFRIESPQLCSNIFKNFQPKSMLAHFNEYQLDQQIEYRYLLGRYYLLNSQVHNAF
VQFNEAFQSLLNLPLTNQAITRNGTRILNYMIPTGLILGKMVKWGPLRPFLSQETIDNWSVLYKHVRYGNIQGVSLWLRQ
NERHLCARQLLIVLLEKLPMVTYRNLIKTVIKSWTTEWGQNKLPYSLIERVLQLSIGPTFEDPGAQEITIYNGIHSPKNV
ENVLVTLINLGLLRANCFPQLQLCVVKKTTMIQEIVPPVNERITKMFPAHSHVLW
;
B
3 'polypeptide(L)'
;MSTDVAAAQAQSKIDLTKKKNEEINKKSLEEDDEFEDFPIDTWANGETIKSNAVTQTNIWEENWDDVEVDDDFTNELKAE
LDRYKRENQ
;
C
#
# COMPACT_ATOMS: atom_id res chain seq x y z
N PRO A 11 4.96 32.56 18.63
CA PRO A 11 3.98 33.27 17.79
C PRO A 11 2.60 33.34 18.43
N ASP A 12 1.79 34.31 17.98
CA ASP A 12 0.44 34.51 18.50
C ASP A 12 -0.52 34.73 17.34
N LYS A 13 -0.69 33.71 16.51
CA LYS A 13 -1.67 33.77 15.44
C LYS A 13 -3.08 33.65 16.02
N LYS A 14 -4.03 34.30 15.36
CA LYS A 14 -5.41 34.30 15.82
C LYS A 14 -5.89 32.89 16.13
N LYS A 15 -6.54 32.74 17.28
CA LYS A 15 -7.06 31.43 17.67
C LYS A 15 -8.13 30.96 16.69
N LYS A 16 -8.22 29.64 16.54
CA LYS A 16 -9.18 29.02 15.63
C LYS A 16 -10.23 28.27 16.44
N TYR A 17 -11.48 28.30 15.96
CA TYR A 17 -12.61 27.78 16.71
C TYR A 17 -13.32 26.68 15.93
N MET A 18 -14.00 25.82 16.68
CA MET A 18 -14.70 24.69 16.10
C MET A 18 -15.93 25.16 15.31
N ILE A 19 -16.28 24.36 14.31
CA ILE A 19 -17.47 24.64 13.50
C ILE A 19 -18.69 24.64 14.42
N ASN A 20 -19.37 25.78 14.49
CA ASN A 20 -20.63 25.89 15.21
C ASN A 20 -21.81 26.07 14.27
N ASP A 21 -21.59 25.91 12.96
CA ASP A 21 -22.67 25.92 11.99
C ASP A 21 -23.82 25.05 12.47
N ALA A 22 -25.05 25.47 12.15
CA ALA A 22 -26.22 24.79 12.67
C ALA A 22 -26.58 23.55 11.84
N LYS A 23 -26.62 23.69 10.51
CA LYS A 23 -26.97 22.56 9.67
C LYS A 23 -25.95 21.43 9.79
N THR A 24 -24.68 21.78 9.98
CA THR A 24 -23.66 20.77 10.24
C THR A 24 -24.01 19.99 11.51
N ILE A 25 -24.23 20.70 12.61
CA ILE A 25 -24.56 20.05 13.88
C ILE A 25 -25.76 19.14 13.71
N GLN A 26 -26.79 19.61 13.02
CA GLN A 26 -27.98 18.78 12.81
C GLN A 26 -27.65 17.53 12.03
N LEU A 27 -26.81 17.65 11.00
CA LEU A 27 -26.47 16.49 10.19
C LEU A 27 -25.70 15.46 11.00
N VAL A 28 -24.72 15.91 11.78
CA VAL A 28 -23.90 14.97 12.55
C VAL A 28 -24.75 14.28 13.61
N GLY A 29 -25.71 14.99 14.19
CA GLY A 29 -26.63 14.40 15.14
C GLY A 29 -26.23 14.58 16.58
N PRO A 30 -27.05 14.08 17.50
CA PRO A 30 -26.77 14.23 18.92
C PRO A 30 -26.04 13.04 19.53
N LEU A 31 -25.67 13.15 20.81
CA LEU A 31 -25.06 12.03 21.52
C LEU A 31 -26.09 11.02 22.01
N ILE A 32 -27.29 11.49 22.40
CA ILE A 32 -28.37 10.64 22.85
C ILE A 32 -29.69 11.22 22.34
N SER A 33 -30.76 10.45 22.50
CA SER A 33 -32.01 10.74 21.79
C SER A 33 -32.76 11.90 22.44
N SER A 34 -33.10 11.78 23.72
CA SER A 34 -33.94 12.76 24.42
C SER A 34 -33.20 13.26 25.65
N PRO A 35 -32.20 14.12 25.48
CA PRO A 35 -31.45 14.60 26.65
C PRO A 35 -32.33 15.27 27.68
N ASP A 36 -33.40 15.94 27.24
CA ASP A 36 -34.29 16.60 28.18
C ASP A 36 -34.93 15.59 29.13
N ASN A 37 -35.20 14.37 28.67
CA ASN A 37 -35.78 13.35 29.54
C ASN A 37 -34.87 13.07 30.73
N LEU A 38 -33.56 13.25 30.57
CA LEU A 38 -32.60 12.97 31.63
C LEU A 38 -32.26 14.20 32.47
N GLY A 39 -32.96 15.31 32.25
CA GLY A 39 -32.71 16.53 32.99
C GLY A 39 -31.85 17.55 32.28
N PHE A 40 -31.37 17.25 31.07
CA PHE A 40 -30.56 18.22 30.34
C PHE A 40 -31.40 19.37 29.83
N GLN A 41 -30.80 20.55 29.79
CA GLN A 41 -31.40 21.73 29.18
C GLN A 41 -30.49 22.25 28.09
N LYS A 42 -31.09 22.59 26.95
CA LYS A 42 -30.32 23.18 25.85
C LYS A 42 -29.61 24.43 26.35
N ARG A 43 -28.28 24.39 26.39
CA ARG A 43 -27.47 25.50 26.86
C ARG A 43 -26.73 26.14 25.70
N SER A 44 -26.57 27.47 25.77
CA SER A 44 -25.83 28.22 24.77
C SER A 44 -24.35 28.20 25.15
N HIS A 45 -23.72 27.06 24.92
CA HIS A 45 -22.30 26.93 25.21
C HIS A 45 -21.48 27.90 24.35
N LYS A 46 -20.49 28.52 24.98
CA LYS A 46 -19.58 29.39 24.25
C LYS A 46 -18.70 28.58 23.30
N ALA A 47 -18.40 29.17 22.15
CA ALA A 47 -17.58 28.49 21.16
C ALA A 47 -16.21 28.18 21.75
N ARG A 48 -15.74 26.96 21.53
CA ARG A 48 -14.45 26.50 22.01
C ARG A 48 -13.49 26.30 20.84
N GLU A 49 -12.20 26.45 21.12
CA GLU A 49 -11.22 26.44 20.04
C GLU A 49 -10.99 25.03 19.53
N LEU A 50 -10.51 24.94 18.30
CA LEU A 50 -10.34 23.66 17.64
C LEU A 50 -9.24 22.85 18.33
N PRO A 51 -9.50 21.61 18.75
CA PRO A 51 -8.44 20.79 19.35
C PRO A 51 -7.25 20.65 18.41
N ARG A 52 -6.07 20.50 19.02
CA ARG A 52 -4.84 20.35 18.22
C ARG A 52 -4.96 19.20 17.24
N PHE A 53 -5.54 18.07 17.66
CA PHE A 53 -5.57 16.90 16.80
C PHE A 53 -6.53 17.04 15.63
N LEU A 54 -7.38 18.07 15.61
CA LEU A 54 -8.30 18.29 14.50
C LEU A 54 -7.82 19.40 13.55
N ILE A 55 -6.58 19.87 13.71
CA ILE A 55 -6.01 20.79 12.73
C ILE A 55 -5.91 20.07 11.39
N ASN A 56 -6.24 20.80 10.32
CA ASN A 56 -6.28 20.23 8.98
C ASN A 56 -5.22 20.91 8.12
N GLN A 57 -4.10 20.22 7.91
CA GLN A 57 -3.03 20.70 7.04
C GLN A 57 -3.07 20.00 5.68
N GLU A 58 -4.26 19.69 5.18
CA GLU A 58 -4.37 19.01 3.90
C GLU A 58 -4.03 19.97 2.77
N PRO A 59 -3.25 19.54 1.77
CA PRO A 59 -2.86 20.46 0.71
C PRO A 59 -4.06 21.00 -0.05
N GLN A 60 -3.88 22.19 -0.63
CA GLN A 60 -4.93 22.82 -1.42
CA GLN A 60 -4.93 22.82 -1.42
C GLN A 60 -5.25 21.96 -2.63
N LEU A 61 -6.54 21.71 -2.86
CA LEU A 61 -6.98 20.87 -3.97
C LEU A 61 -7.57 21.65 -5.13
N GLU A 62 -7.88 22.94 -4.95
CA GLU A 62 -8.54 23.74 -5.98
C GLU A 62 -7.72 24.98 -6.32
N LYS A 63 -7.87 25.44 -7.55
CA LYS A 63 -7.21 26.66 -7.98
C LYS A 63 -7.61 27.83 -7.09
N ARG A 64 -6.63 28.68 -6.79
CA ARG A 64 -6.89 29.93 -6.08
C ARG A 64 -6.30 31.08 -6.88
N ALA A 65 -6.98 32.22 -6.83
CA ALA A 65 -6.50 33.39 -7.54
C ALA A 65 -5.07 33.72 -7.11
N PHE A 66 -4.23 34.05 -8.09
CA PHE A 66 -2.88 34.50 -7.78
C PHE A 66 -2.93 35.88 -7.16
N VAL A 67 -2.27 36.03 -6.01
CA VAL A 67 -2.21 37.31 -5.30
C VAL A 67 -0.76 37.62 -4.98
N GLN A 68 -0.36 38.87 -5.18
CA GLN A 68 1.01 39.28 -4.92
C GLN A 68 1.00 40.60 -4.17
N ASP A 69 1.81 40.66 -3.11
CA ASP A 69 1.93 41.89 -2.34
C ASP A 69 2.51 43.00 -3.21
N PRO A 70 1.98 44.23 -3.12
CA PRO A 70 2.49 45.30 -4.00
C PRO A 70 3.98 45.57 -3.85
N TRP A 71 4.50 45.58 -2.62
CA TRP A 71 5.93 45.78 -2.44
C TRP A 71 6.72 44.62 -3.03
N ASP A 72 6.26 43.40 -2.80
CA ASP A 72 6.90 42.23 -3.41
C ASP A 72 6.98 42.38 -4.91
N LYS A 73 5.91 42.85 -5.55
CA LYS A 73 5.91 43.00 -7.00
C LYS A 73 6.91 44.05 -7.45
N ALA A 74 6.87 45.23 -6.81
CA ALA A 74 7.80 46.30 -7.19
C ALA A 74 9.25 45.88 -6.94
N ASN A 75 9.49 45.11 -5.88
CA ASN A 75 10.86 44.71 -5.56
C ASN A 75 11.40 43.71 -6.56
N GLN A 76 10.56 42.77 -7.02
CA GLN A 76 11.00 41.82 -8.04
C GLN A 76 11.20 42.53 -9.38
N GLU A 77 10.35 43.51 -9.70
CA GLU A 77 10.57 44.31 -10.89
C GLU A 77 11.89 45.06 -10.79
N LYS A 78 12.26 45.50 -9.58
CA LYS A 78 13.52 46.21 -9.40
C LYS A 78 14.72 45.28 -9.61
N MET A 79 14.63 44.05 -9.09
CA MET A 79 15.72 43.10 -9.31
C MET A 79 15.89 42.80 -10.80
N ILE A 80 14.78 42.74 -11.54
CA ILE A 80 14.88 42.53 -12.98
C ILE A 80 15.57 43.71 -13.64
N SER A 81 15.16 44.92 -13.27
CA SER A 81 15.75 46.11 -13.88
C SER A 81 17.23 46.22 -13.58
N LEU A 82 17.64 45.82 -12.37
CA LEU A 82 19.05 45.83 -12.03
C LEU A 82 19.80 44.73 -12.78
N GLU A 83 19.15 43.59 -12.99
CA GLU A 83 19.78 42.54 -13.79
C GLU A 83 20.07 43.04 -15.20
N GLU A 84 19.20 43.90 -15.74
CA GLU A 84 19.40 44.42 -17.07
C GLU A 84 20.41 45.56 -17.10
N SER A 85 20.45 46.38 -16.05
CA SER A 85 21.24 47.60 -16.08
C SER A 85 22.66 47.42 -15.53
N ILE A 86 22.84 46.52 -14.56
CA ILE A 86 24.14 46.27 -13.98
C ILE A 86 24.85 45.25 -14.87
N ASP A 87 25.77 45.74 -15.71
CA ASP A 87 26.47 44.86 -16.63
C ASP A 87 27.46 43.96 -15.88
N ASP A 88 28.11 44.49 -14.85
CA ASP A 88 29.05 43.69 -14.08
C ASP A 88 28.33 42.53 -13.42
N LEU A 89 29.00 41.38 -13.38
CA LEU A 89 28.38 40.16 -12.91
C LEU A 89 28.36 40.06 -11.40
N ASN A 90 29.46 40.45 -10.75
CA ASN A 90 29.54 40.35 -9.29
C ASN A 90 28.86 41.51 -8.59
N GLU A 91 28.80 42.69 -9.23
CA GLU A 91 28.08 43.81 -8.66
C GLU A 91 26.60 43.49 -8.54
N LEU A 92 26.01 42.95 -9.62
CA LEU A 92 24.61 42.55 -9.59
C LEU A 92 24.32 41.65 -8.40
N TYR A 93 25.12 40.59 -8.23
CA TYR A 93 24.87 39.63 -7.17
C TYR A 93 25.04 40.25 -5.79
N GLU A 94 25.99 41.19 -5.64
CA GLU A 94 26.20 41.81 -4.35
C GLU A 94 25.03 42.72 -3.98
N THR A 95 24.58 43.54 -4.94
CA THR A 95 23.45 44.43 -4.66
C THR A 95 22.17 43.64 -4.46
N LEU A 96 21.96 42.57 -5.24
CA LEU A 96 20.79 41.74 -5.04
C LEU A 96 20.84 40.97 -3.72
N LYS A 97 22.05 40.65 -3.24
CA LYS A 97 22.16 40.04 -1.93
C LYS A 97 21.73 41.02 -0.85
N LYS A 98 22.16 42.28 -0.94
CA LYS A 98 21.70 43.31 0.00
C LYS A 98 20.18 43.44 -0.05
N MET A 99 19.61 43.56 -1.25
CA MET A 99 18.16 43.67 -1.38
C MET A 99 17.47 42.46 -0.77
N ARG A 100 18.05 41.27 -0.91
CA ARG A 100 17.42 40.07 -0.36
C ARG A 100 17.42 40.12 1.16
N ASN A 101 18.50 40.64 1.76
CA ASN A 101 18.53 40.78 3.21
C ASN A 101 17.38 41.68 3.68
N THR A 102 17.21 42.83 3.03
CA THR A 102 16.07 43.69 3.33
C THR A 102 14.76 42.97 3.06
N GLU A 103 14.69 42.23 1.95
CA GLU A 103 13.44 41.60 1.54
C GLU A 103 12.95 40.61 2.60
N ARG A 104 13.83 39.80 3.16
CA ARG A 104 13.41 38.76 4.09
C ARG A 104 12.69 39.36 5.29
N SER A 105 13.33 40.30 5.98
CA SER A 105 12.70 40.90 7.15
C SER A 105 11.40 41.61 6.78
N ILE A 106 11.33 42.21 5.58
CA ILE A 106 10.10 42.85 5.15
C ILE A 106 9.00 41.82 4.96
N MET A 107 9.26 40.79 4.15
CA MET A 107 8.26 39.75 3.92
C MET A 107 7.91 39.02 5.21
N GLU A 108 8.87 38.91 6.13
CA GLU A 108 8.55 38.38 7.44
C GLU A 108 7.51 39.24 8.14
N GLU A 109 7.75 40.56 8.19
CA GLU A 109 6.83 41.46 8.86
C GLU A 109 5.44 41.44 8.21
N LYS A 110 5.37 41.17 6.92
CA LYS A 110 4.08 41.07 6.23
C LYS A 110 3.34 39.77 6.52
N GLY A 111 3.99 38.79 7.17
CA GLY A 111 3.37 37.52 7.40
C GLY A 111 3.32 36.62 6.19
N LEU A 112 4.12 36.91 5.17
CA LEU A 112 4.13 36.14 3.93
C LEU A 112 5.25 35.12 3.89
N VAL A 113 6.02 34.98 4.96
CA VAL A 113 7.04 33.94 5.07
C VAL A 113 7.28 33.69 6.54
N ASP A 114 7.39 32.42 6.91
CA ASP A 114 7.66 32.07 8.30
C ASP A 114 9.00 32.65 8.73
N LYS A 115 9.04 33.21 9.94
CA LYS A 115 10.29 33.73 10.48
C LYS A 115 11.32 32.61 10.59
N ALA A 116 12.55 32.90 10.18
CA ALA A 116 13.63 31.94 10.26
C ALA A 116 14.05 31.66 11.70
N ASP A 117 13.43 32.30 12.69
CA ASP A 117 13.84 32.11 14.08
C ASP A 117 13.61 30.67 14.52
N SER A 118 12.42 30.13 14.29
CA SER A 118 12.10 28.79 14.76
C SER A 118 10.89 28.26 13.99
N ALA A 119 10.93 26.97 13.67
CA ALA A 119 9.78 26.29 13.09
C ALA A 119 8.69 26.17 14.16
N LYS A 120 7.51 26.68 13.85
CA LYS A 120 6.46 26.84 14.84
C LYS A 120 5.41 25.74 14.71
N ASP A 121 4.63 25.58 15.78
CA ASP A 121 3.57 24.58 15.79
C ASP A 121 2.63 24.79 14.60
N LEU A 122 2.09 23.69 14.09
CA LEU A 122 1.22 23.76 12.92
C LEU A 122 -0.17 24.30 13.27
N TYR A 123 -0.43 24.64 14.53
CA TYR A 123 -1.65 25.35 14.86
C TYR A 123 -1.70 26.70 14.15
N ASP A 124 -0.54 27.29 13.85
CA ASP A 124 -0.44 28.58 13.17
C ASP A 124 0.54 28.42 12.00
N ALA A 125 0.00 28.05 10.84
CA ALA A 125 0.80 27.85 9.64
C ALA A 125 0.42 28.90 8.60
N ILE A 126 1.41 29.35 7.84
CA ILE A 126 1.20 30.34 6.79
C ILE A 126 0.84 29.62 5.51
N VAL A 127 -0.20 30.11 4.83
CA VAL A 127 -0.52 29.65 3.48
C VAL A 127 0.46 30.32 2.53
N PHE A 128 1.57 29.65 2.26
CA PHE A 128 2.66 30.24 1.49
C PHE A 128 2.31 30.29 0.01
N GLN A 129 2.49 31.47 -0.58
CA GLN A 129 2.20 31.71 -1.99
C GLN A 129 3.49 32.15 -2.68
N GLY A 130 3.91 31.39 -3.69
CA GLY A 130 5.06 31.78 -4.48
C GLY A 130 4.68 32.87 -5.48
N THR A 131 5.60 33.81 -5.68
CA THR A 131 5.34 34.97 -6.54
C THR A 131 6.40 35.16 -7.61
N CYS A 132 7.27 34.17 -7.83
CA CYS A 132 8.25 34.25 -8.90
C CYS A 132 7.55 33.96 -10.23
N LEU A 133 7.55 34.96 -11.11
CA LEU A 133 6.91 34.84 -12.41
C LEU A 133 7.88 34.41 -13.50
N ASP A 134 9.17 34.33 -13.20
CA ASP A 134 10.14 33.75 -14.12
C ASP A 134 10.24 32.24 -13.89
N MET A 135 10.81 31.55 -14.88
CA MET A 135 11.11 30.14 -14.68
C MET A 135 12.23 29.93 -13.69
N CYS A 136 13.01 30.98 -13.37
CA CYS A 136 14.04 30.91 -12.36
C CYS A 136 14.05 32.25 -11.66
N PRO A 137 14.09 32.28 -10.32
CA PRO A 137 14.13 33.57 -9.62
C PRO A 137 15.33 34.40 -10.05
N THR A 138 15.10 35.72 -10.16
CA THR A 138 16.16 36.63 -10.57
C THR A 138 17.38 36.52 -9.66
N PHE A 139 17.15 36.43 -8.34
CA PHE A 139 18.27 36.34 -7.42
C PHE A 139 19.12 35.10 -7.73
N GLU A 140 18.48 33.94 -7.90
CA GLU A 140 19.23 32.73 -8.21
C GLU A 140 20.01 32.89 -9.51
N ARG A 141 19.41 33.52 -10.52
CA ARG A 141 20.12 33.74 -11.77
C ARG A 141 21.42 34.50 -11.53
N SER A 142 21.38 35.58 -10.75
CA SER A 142 22.59 36.32 -10.48
C SER A 142 23.57 35.49 -9.67
N ARG A 143 23.06 34.66 -8.75
CA ARG A 143 23.95 33.81 -7.96
C ARG A 143 24.67 32.81 -8.85
N ARG A 144 23.91 31.99 -9.59
CA ARG A 144 24.52 30.99 -10.44
C ARG A 144 25.39 31.60 -11.53
N ASN A 145 25.15 32.86 -11.89
CA ASN A 145 26.12 33.58 -12.72
C ASN A 145 27.46 33.65 -12.01
N VAL A 146 27.46 34.06 -10.74
CA VAL A 146 28.70 34.17 -9.98
C VAL A 146 29.33 32.80 -9.75
N GLU A 147 28.49 31.77 -9.56
CA GLU A 147 28.98 30.44 -9.23
C GLU A 147 29.29 29.60 -10.47
N TYR A 148 29.09 30.15 -11.66
CA TYR A 148 29.38 29.44 -12.91
C TYR A 148 28.72 28.07 -12.92
N THR A 149 27.43 28.05 -12.56
CA THR A 149 26.59 26.87 -12.64
C THR A 149 25.40 27.12 -13.55
N VAL A 150 25.61 27.92 -14.60
CA VAL A 150 24.58 28.18 -15.60
C VAL A 150 24.77 27.20 -16.75
N TYR A 151 23.75 26.42 -17.05
CA TYR A 151 23.79 25.51 -18.19
C TYR A 151 23.73 26.30 -19.49
N SER A 152 24.32 25.72 -20.53
CA SER A 152 24.22 26.32 -21.86
C SER A 152 22.76 26.52 -22.26
N TYR A 153 21.89 25.59 -21.84
CA TYR A 153 20.48 25.68 -22.17
C TYR A 153 19.81 26.90 -21.56
N GLU A 154 20.45 27.53 -20.57
CA GLU A 154 19.88 28.67 -19.86
C GLU A 154 20.43 30.00 -20.33
N LYS A 155 21.19 30.02 -21.42
CA LYS A 155 21.78 31.23 -21.96
C LYS A 155 21.18 31.55 -23.32
N ASN A 156 20.96 32.84 -23.57
CA ASN A 156 20.54 33.26 -24.90
C ASN A 156 21.59 32.90 -25.94
N GLN A 157 22.84 33.29 -25.69
CA GLN A 157 23.95 32.96 -26.55
C GLN A 157 24.91 32.01 -25.85
N PRO A 158 25.57 31.10 -26.58
CA PRO A 158 26.45 30.12 -25.90
C PRO A 158 27.57 30.79 -25.12
N ASN A 159 28.21 31.81 -25.67
CA ASN A 159 29.33 32.46 -25.01
C ASN A 159 28.90 33.42 -23.91
N ASP A 160 27.61 33.53 -23.62
CA ASP A 160 27.15 34.37 -22.52
C ASP A 160 27.61 33.81 -21.19
N LYS A 161 27.85 34.71 -20.23
CA LYS A 161 28.10 34.32 -18.86
C LYS A 161 26.90 34.53 -17.94
N LYS A 162 25.99 35.44 -18.31
CA LYS A 162 24.78 35.69 -17.55
C LYS A 162 23.66 34.74 -17.96
N ALA A 163 23.00 34.15 -16.97
CA ALA A 163 21.81 33.35 -17.24
C ALA A 163 20.70 34.22 -17.81
N SER A 164 19.97 33.68 -18.79
CA SER A 164 18.89 34.42 -19.42
C SER A 164 17.60 34.30 -18.63
N ARG A 165 16.91 35.43 -18.47
CA ARG A 165 15.63 35.42 -17.78
C ARG A 165 14.61 34.55 -18.51
N THR A 166 14.73 34.45 -19.83
CA THR A 166 13.77 33.67 -20.62
C THR A 166 14.10 32.18 -20.67
N LYS A 167 15.32 31.77 -20.31
CA LYS A 167 15.75 30.40 -20.49
C LYS A 167 16.17 29.70 -19.20
N ALA A 168 16.50 30.44 -18.14
CA ALA A 168 16.98 29.82 -16.91
C ALA A 168 15.85 29.14 -16.16
N LEU A 169 16.17 28.00 -15.56
CA LEU A 169 15.21 27.20 -14.81
C LEU A 169 15.70 27.05 -13.37
N LYS A 170 14.80 27.25 -12.41
CA LYS A 170 15.17 27.18 -11.00
C LYS A 170 15.77 25.81 -10.67
N VAL A 171 16.92 25.84 -9.99
CA VAL A 171 17.56 24.62 -9.53
C VAL A 171 16.79 24.05 -8.33
N PHE A 172 16.83 22.73 -8.19
CA PHE A 172 16.29 22.10 -6.99
C PHE A 172 17.02 22.62 -5.76
N ALA A 173 16.26 23.23 -4.85
CA ALA A 173 16.85 23.82 -3.65
C ALA A 173 17.38 22.73 -2.74
N ARG A 174 18.61 22.82 -2.40
CA ARG A 174 19.21 21.82 -1.54
C ARG A 174 19.37 22.35 -0.12
N PRO A 175 19.22 21.50 0.89
CA PRO A 175 19.30 21.99 2.29
C PRO A 175 20.63 22.62 2.63
N ALA A 176 21.72 22.23 1.96
CA ALA A 176 23.01 22.89 2.18
C ALA A 176 22.86 24.41 2.11
N ALA A 177 22.17 24.89 1.07
CA ALA A 177 21.76 26.27 0.99
C ALA A 177 20.33 26.43 1.51
N ALA A 178 19.88 27.68 1.58
CA ALA A 178 18.51 27.98 2.00
C ALA A 178 18.23 27.47 3.41
N ALA A 179 19.08 27.87 4.36
CA ALA A 179 18.83 27.53 5.76
C ALA A 179 17.53 28.16 6.25
N ALA A 180 17.21 29.36 5.77
CA ALA A 180 15.95 30.01 6.08
C ALA A 180 14.90 29.65 5.04
N PRO A 181 13.62 29.78 5.38
CA PRO A 181 12.58 29.37 4.44
C PRO A 181 12.68 30.17 3.17
N PRO A 182 12.24 29.61 2.05
CA PRO A 182 12.30 30.34 0.78
C PRO A 182 11.31 31.49 0.77
N LEU A 183 11.70 32.58 0.13
CA LEU A 183 10.85 33.74 0.01
C LEU A 183 9.82 33.52 -1.11
N PRO A 184 8.73 34.28 -1.11
CA PRO A 184 7.80 34.21 -2.24
C PRO A 184 8.48 34.43 -3.58
N SER A 185 9.45 35.35 -3.65
CA SER A 185 10.16 35.59 -4.88
C SER A 185 11.01 34.39 -5.32
N ASP A 186 11.26 33.44 -4.41
CA ASP A 186 12.04 32.25 -4.75
C ASP A 186 11.20 31.15 -5.37
N VAL A 187 9.87 31.20 -5.21
CA VAL A 187 8.99 30.07 -5.52
C VAL A 187 8.00 30.49 -6.59
N ARG A 188 7.82 29.62 -7.56
CA ARG A 188 6.94 29.89 -8.68
C ARG A 188 5.52 29.46 -8.35
N PRO A 189 4.50 30.28 -8.63
CA PRO A 189 3.12 29.86 -8.39
C PRO A 189 2.71 28.76 -9.35
N PRO A 190 1.60 28.07 -9.08
CA PRO A 190 1.21 26.94 -9.92
C PRO A 190 1.16 27.24 -11.41
N HIS A 191 0.60 28.39 -11.83
CA HIS A 191 0.45 28.63 -13.26
C HIS A 191 1.80 28.93 -13.93
N ILE A 192 2.79 29.36 -13.16
CA ILE A 192 4.14 29.51 -13.70
C ILE A 192 4.86 28.18 -13.73
N LEU A 193 4.57 27.29 -12.77
CA LEU A 193 5.14 25.95 -12.82
C LEU A 193 4.63 25.19 -14.04
N VAL A 194 3.35 25.34 -14.35
CA VAL A 194 2.82 24.77 -15.60
C VAL A 194 3.55 25.39 -16.78
N LYS A 195 3.65 26.71 -16.80
CA LYS A 195 4.36 27.39 -17.87
C LYS A 195 5.78 26.87 -18.02
N THR A 196 6.46 26.63 -16.89
CA THR A 196 7.83 26.15 -16.94
C THR A 196 7.91 24.76 -17.53
N LEU A 197 7.04 23.86 -17.07
CA LEU A 197 7.03 22.51 -17.64
C LEU A 197 6.65 22.54 -19.11
N ASP A 198 5.66 23.36 -19.48
CA ASP A 198 5.35 23.57 -20.88
C ASP A 198 6.60 23.93 -21.68
N TYR A 199 7.46 24.78 -21.09
CA TYR A 199 8.68 25.19 -21.76
C TYR A 199 9.64 24.02 -21.94
N ILE A 200 9.74 23.17 -20.92
CA ILE A 200 10.58 21.98 -21.03
C ILE A 200 10.07 21.05 -22.12
N VAL A 201 8.76 20.79 -22.12
CA VAL A 201 8.18 19.86 -23.08
C VAL A 201 8.33 20.38 -24.50
N ASP A 202 8.24 21.70 -24.69
CA ASP A 202 8.31 22.29 -26.02
C ASP A 202 9.73 22.49 -26.52
N ASN A 203 10.72 22.57 -25.64
CA ASN A 203 12.03 23.10 -26.03
C ASN A 203 13.21 22.18 -25.72
N LEU A 204 13.10 21.36 -24.66
CA LEU A 204 14.27 20.70 -24.10
C LEU A 204 14.23 19.18 -24.14
N LEU A 205 13.10 18.56 -24.47
CA LEU A 205 13.07 17.10 -24.54
C LEU A 205 14.06 16.58 -25.56
N THR A 206 14.16 17.24 -26.72
CA THR A 206 15.03 16.79 -27.79
C THR A 206 16.51 16.91 -27.43
N THR A 207 16.85 17.69 -26.40
CA THR A 207 18.23 17.81 -25.97
C THR A 207 18.70 16.60 -25.15
N LEU A 208 17.79 15.74 -24.74
CA LEU A 208 18.16 14.46 -24.16
C LEU A 208 18.92 13.67 -25.23
N PRO A 209 19.87 12.82 -24.81
CA PRO A 209 20.24 12.48 -23.43
C PRO A 209 21.17 13.46 -22.74
N GLU A 210 21.74 14.40 -23.50
CA GLU A 210 22.77 15.28 -22.95
C GLU A 210 22.24 16.15 -21.82
N SER A 211 20.96 16.49 -21.85
CA SER A 211 20.38 17.38 -20.86
C SER A 211 19.78 16.64 -19.66
N GLU A 212 20.09 15.34 -19.49
CA GLU A 212 19.40 14.53 -18.50
C GLU A 212 19.62 15.08 -17.09
N GLY A 213 20.86 15.42 -16.75
CA GLY A 213 21.12 15.96 -15.42
C GLY A 213 20.43 17.29 -15.20
N PHE A 214 20.43 18.14 -16.23
CA PHE A 214 19.72 19.41 -16.18
C PHE A 214 18.23 19.19 -15.95
N LEU A 215 17.57 18.45 -16.84
CA LEU A 215 16.13 18.29 -16.74
C LEU A 215 15.73 17.58 -15.46
N TRP A 216 16.44 16.52 -15.09
CA TRP A 216 16.15 15.82 -13.84
C TRP A 216 16.12 16.79 -12.67
N ASP A 217 17.13 17.64 -12.57
CA ASP A 217 17.19 18.58 -11.45
C ASP A 217 16.06 19.60 -11.54
N ARG A 218 15.80 20.13 -12.74
CA ARG A 218 14.79 21.17 -12.88
C ARG A 218 13.37 20.64 -12.67
N MET A 219 13.09 19.40 -13.08
CA MET A 219 11.78 18.84 -12.81
C MET A 219 11.61 18.57 -11.32
N ARG A 220 12.69 18.14 -10.65
CA ARG A 220 12.65 18.04 -9.20
C ARG A 220 12.26 19.38 -8.58
N SER A 221 12.77 20.48 -9.13
CA SER A 221 12.47 21.79 -8.57
C SER A 221 11.02 22.17 -8.79
N ILE A 222 10.46 21.87 -9.96
CA ILE A 222 9.05 22.15 -10.22
C ILE A 222 8.18 21.47 -9.16
N ARG A 223 8.43 20.19 -8.92
CA ARG A 223 7.66 19.46 -7.90
C ARG A 223 7.91 20.05 -6.52
N GLN A 224 9.12 20.54 -6.27
CA GLN A 224 9.43 21.12 -4.95
C GLN A 224 8.68 22.41 -4.72
N ASP A 225 8.51 23.25 -5.76
CA ASP A 225 7.79 24.50 -5.57
C ASP A 225 6.33 24.26 -5.20
N PHE A 226 5.72 23.21 -5.76
CA PHE A 226 4.37 22.86 -5.38
C PHE A 226 4.29 22.50 -3.89
N THR A 227 5.27 21.76 -3.40
CA THR A 227 5.25 21.35 -1.99
C THR A 227 5.53 22.52 -1.06
N TYR A 228 6.36 23.47 -1.49
CA TYR A 228 6.54 24.70 -0.73
C TYR A 228 5.19 25.38 -0.48
N GLN A 229 4.32 25.37 -1.49
CA GLN A 229 3.02 26.02 -1.41
C GLN A 229 1.92 25.07 -0.94
N ASN A 230 2.28 23.84 -0.55
CA ASN A 230 1.29 22.87 -0.06
C ASN A 230 0.13 22.74 -1.04
N TYR A 231 0.46 22.68 -2.33
CA TYR A 231 -0.54 22.77 -3.39
C TYR A 231 -0.67 21.43 -4.10
N SER A 232 -1.87 20.84 -4.03
CA SER A 232 -2.21 19.64 -4.77
C SER A 232 -3.31 19.91 -5.79
N GLY A 233 -3.37 21.13 -6.32
CA GLY A 233 -4.40 21.49 -7.25
C GLY A 233 -4.16 20.89 -8.62
N PRO A 234 -5.02 21.24 -9.57
CA PRO A 234 -4.91 20.67 -10.92
C PRO A 234 -3.53 20.84 -11.54
N GLU A 235 -2.86 21.97 -11.32
CA GLU A 235 -1.54 22.16 -11.91
C GLU A 235 -0.52 21.19 -11.35
N ALA A 236 -0.60 20.90 -10.05
CA ALA A 236 0.32 19.95 -9.43
C ALA A 236 0.12 18.55 -9.99
N VAL A 237 -1.13 18.15 -10.21
CA VAL A 237 -1.40 16.87 -10.86
C VAL A 237 -0.81 16.85 -12.26
N ASP A 238 -1.15 17.86 -13.06
CA ASP A 238 -0.69 17.89 -14.44
C ASP A 238 0.83 17.90 -14.52
N CYS A 239 1.49 18.70 -13.67
CA CYS A 239 2.94 18.76 -13.71
C CYS A 239 3.57 17.45 -13.28
N ASN A 240 3.07 16.84 -12.20
CA ASN A 240 3.61 15.56 -11.77
C ASN A 240 3.34 14.48 -12.82
N GLU A 241 2.17 14.51 -13.45
CA GLU A 241 1.84 13.52 -14.45
C GLU A 241 2.81 13.58 -15.63
N ARG A 242 3.01 14.78 -16.18
CA ARG A 242 3.89 14.89 -17.33
C ARG A 242 5.35 14.71 -16.94
N ILE A 243 5.73 15.07 -15.71
CA ILE A 243 7.09 14.82 -15.26
C ILE A 243 7.33 13.32 -15.16
N VAL A 244 6.38 12.56 -14.62
CA VAL A 244 6.48 11.10 -14.59
C VAL A 244 6.73 10.57 -15.99
N ARG A 245 5.98 11.07 -16.97
CA ARG A 245 6.17 10.62 -18.34
C ARG A 245 7.56 10.94 -18.84
N ILE A 246 8.09 12.11 -18.50
CA ILE A 246 9.42 12.49 -18.94
C ILE A 246 10.45 11.54 -18.34
N HIS A 247 10.29 11.21 -17.05
CA HIS A 247 11.17 10.23 -16.43
C HIS A 247 11.17 8.92 -17.21
N LEU A 248 9.98 8.44 -17.57
CA LEU A 248 9.86 7.19 -18.31
C LEU A 248 10.57 7.28 -19.66
N LEU A 249 10.41 8.41 -20.35
CA LEU A 249 11.12 8.61 -21.61
C LEU A 249 12.62 8.64 -21.38
N ILE A 250 13.06 9.26 -20.29
CA ILE A 250 14.49 9.34 -20.00
C ILE A 250 15.06 7.95 -19.78
N LEU A 251 14.33 7.07 -19.10
CA LEU A 251 14.83 5.73 -18.83
C LEU A 251 15.28 5.04 -20.12
N HIS A 252 14.47 5.13 -21.16
CA HIS A 252 14.83 4.49 -22.42
C HIS A 252 15.95 5.24 -23.13
N ILE A 253 15.82 6.56 -23.25
CA ILE A 253 16.81 7.34 -23.98
C ILE A 253 18.20 7.13 -23.41
N MET A 254 18.31 7.15 -22.08
CA MET A 254 19.64 7.02 -21.47
C MET A 254 20.21 5.63 -21.69
N VAL A 255 19.38 4.60 -21.58
CA VAL A 255 19.88 3.24 -21.75
C VAL A 255 20.21 2.98 -23.21
N LYS A 256 19.36 3.44 -24.13
CA LYS A 256 19.62 3.26 -25.56
C LYS A 256 20.91 3.95 -25.97
N SER A 257 21.10 5.19 -25.51
CA SER A 257 22.28 5.96 -25.93
C SER A 257 23.56 5.44 -25.29
N ASN A 258 23.46 4.71 -24.18
CA ASN A 258 24.60 4.26 -23.39
C ASN A 258 25.27 5.40 -22.64
N VAL A 259 24.65 6.58 -22.60
CA VAL A 259 25.18 7.68 -21.80
C VAL A 259 25.09 7.30 -20.33
N GLU A 260 26.20 7.44 -19.61
CA GLU A 260 26.23 7.13 -18.19
C GLU A 260 25.27 8.03 -17.43
N PHE A 261 24.34 7.43 -16.71
CA PHE A 261 23.41 8.16 -15.86
C PHE A 261 23.13 7.33 -14.62
N SER A 262 22.40 7.93 -13.68
CA SER A 262 21.98 7.25 -12.47
C SER A 262 20.51 6.85 -12.65
N LEU A 263 20.30 5.64 -13.16
CA LEU A 263 18.96 5.04 -13.10
C LEU A 263 18.41 5.15 -11.69
N GLN A 264 19.29 5.04 -10.69
CA GLN A 264 18.85 5.13 -9.30
C GLN A 264 18.13 6.45 -9.04
N GLN A 265 18.78 7.57 -9.37
CA GLN A 265 18.20 8.88 -9.08
C GLN A 265 17.00 9.17 -9.97
N GLU A 266 17.02 8.70 -11.21
CA GLU A 266 15.84 8.83 -12.07
C GLU A 266 14.67 8.05 -11.51
N LEU A 267 14.92 6.80 -11.11
CA LEU A 267 13.84 5.95 -10.61
C LEU A 267 13.34 6.39 -9.25
N GLU A 268 14.22 6.94 -8.42
CA GLU A 268 13.80 7.43 -7.11
C GLU A 268 12.81 8.59 -7.28
N GLN A 269 13.17 9.60 -8.07
CA GLN A 269 12.29 10.74 -8.25
C GLN A 269 11.03 10.36 -9.02
N LEU A 270 11.16 9.48 -10.01
CA LEU A 270 9.99 8.93 -10.68
C LEU A 270 9.04 8.30 -9.66
N HIS A 271 9.59 7.48 -8.76
CA HIS A 271 8.77 6.85 -7.73
C HIS A 271 8.15 7.90 -6.81
N LYS A 272 8.95 8.88 -6.36
CA LYS A 272 8.42 9.90 -5.47
C LYS A 272 7.31 10.70 -6.13
N SER A 273 7.44 10.97 -7.43
CA SER A 273 6.39 11.69 -8.15
C SER A 273 5.11 10.87 -8.23
N LEU A 274 5.25 9.56 -8.44
CA LEU A 274 4.08 8.69 -8.44
C LEU A 274 3.42 8.62 -7.07
N ILE A 275 4.22 8.64 -6.00
CA ILE A 275 3.66 8.67 -4.66
C ILE A 275 2.85 9.94 -4.45
N THR A 276 3.43 11.08 -4.82
CA THR A 276 2.70 12.35 -4.78
C THR A 276 1.37 12.24 -5.52
N LEU A 277 1.41 11.71 -6.75
CA LEU A 277 0.18 11.58 -7.53
C LEU A 277 -0.84 10.70 -6.83
N SER A 278 -0.39 9.56 -6.29
CA SER A 278 -1.32 8.67 -5.60
C SER A 278 -1.98 9.39 -4.42
N GLU A 279 -1.23 10.20 -3.70
CA GLU A 279 -1.80 10.94 -2.57
C GLU A 279 -2.83 11.95 -3.05
N ILE A 280 -2.54 12.67 -4.13
CA ILE A 280 -3.48 13.67 -4.65
C ILE A 280 -4.73 12.97 -5.16
N TYR A 281 -4.56 11.91 -5.97
CA TYR A 281 -5.71 11.15 -6.44
C TYR A 281 -6.60 10.72 -5.28
N ASP A 282 -5.99 10.32 -4.16
CA ASP A 282 -6.76 9.92 -2.99
C ASP A 282 -7.54 11.09 -2.43
N ASP A 283 -6.86 12.21 -2.19
CA ASP A 283 -7.53 13.38 -1.63
C ASP A 283 -8.64 13.87 -2.55
N VAL A 284 -8.40 13.85 -3.87
CA VAL A 284 -9.43 14.26 -4.81
C VAL A 284 -10.64 13.34 -4.71
N ARG A 285 -10.40 12.03 -4.59
CA ARG A 285 -11.51 11.10 -4.45
C ARG A 285 -12.29 11.37 -3.18
N SER A 286 -11.58 11.58 -2.06
CA SER A 286 -12.25 11.88 -0.80
C SER A 286 -13.13 13.12 -0.90
N SER A 287 -12.75 14.08 -1.75
CA SER A 287 -13.51 15.30 -1.92
C SER A 287 -14.61 15.20 -2.98
N GLY A 288 -14.76 14.03 -3.61
CA GLY A 288 -15.78 13.85 -4.62
C GLY A 288 -15.40 14.27 -6.01
N GLY A 289 -14.18 14.76 -6.20
CA GLY A 289 -13.70 15.09 -7.54
C GLY A 289 -13.22 13.85 -8.27
N THR A 290 -12.57 14.10 -9.41
CA THR A 290 -11.97 13.05 -10.22
C THR A 290 -10.79 13.63 -10.98
N CYS A 291 -9.88 12.74 -11.38
CA CYS A 291 -8.73 13.13 -12.20
C CYS A 291 -8.71 12.22 -13.43
N PRO A 292 -8.82 12.78 -14.64
CA PRO A 292 -9.03 11.92 -15.82
C PRO A 292 -7.90 10.94 -16.10
N ASN A 293 -6.65 11.27 -15.75
CA ASN A 293 -5.52 10.42 -16.05
C ASN A 293 -5.16 9.46 -14.92
N GLU A 294 -5.97 9.41 -13.85
CA GLU A 294 -5.60 8.65 -12.67
C GLU A 294 -5.20 7.22 -13.04
N ALA A 295 -5.99 6.57 -13.88
CA ALA A 295 -5.75 5.16 -14.19
C ALA A 295 -4.38 4.95 -14.79
N GLU A 296 -3.98 5.81 -15.72
CA GLU A 296 -2.65 5.71 -16.32
C GLU A 296 -1.57 5.69 -15.26
N PHE A 297 -1.67 6.59 -14.27
CA PHE A 297 -0.60 6.74 -13.30
C PHE A 297 -0.73 5.80 -12.11
N ARG A 298 -1.91 5.24 -11.88
CA ARG A 298 -2.00 4.06 -11.03
C ARG A 298 -1.28 2.87 -11.66
N ALA A 299 -1.38 2.73 -12.99
CA ALA A 299 -0.67 1.67 -13.70
C ALA A 299 0.85 1.84 -13.55
N TYR A 300 1.35 3.05 -13.82
CA TYR A 300 2.79 3.30 -13.61
C TYR A 300 3.19 2.97 -12.18
N ALA A 301 2.39 3.39 -11.21
CA ALA A 301 2.72 3.12 -9.81
C ALA A 301 2.80 1.62 -9.56
N LEU A 302 1.96 0.84 -10.24
CA LEU A 302 2.01 -0.61 -10.11
C LEU A 302 3.30 -1.20 -10.68
N LEU A 303 4.03 -0.44 -11.49
CA LEU A 303 5.27 -0.90 -12.10
C LEU A 303 6.50 -0.34 -11.43
N SER A 304 6.34 0.57 -10.47
CA SER A 304 7.50 1.17 -9.81
C SER A 304 8.16 0.21 -8.84
N LYS A 305 7.35 -0.58 -8.13
CA LYS A 305 7.84 -1.59 -7.19
C LYS A 305 7.11 -2.87 -7.57
N ILE A 306 7.59 -3.51 -8.63
CA ILE A 306 6.79 -4.50 -9.34
C ILE A 306 6.54 -5.75 -8.50
N ARG A 307 7.32 -5.98 -7.44
CA ARG A 307 7.16 -7.15 -6.59
C ARG A 307 6.67 -6.80 -5.20
N ASP A 308 6.34 -5.53 -4.94
CA ASP A 308 5.91 -5.09 -3.63
C ASP A 308 4.41 -5.34 -3.51
N PRO A 309 3.95 -6.26 -2.66
CA PRO A 309 2.50 -6.52 -2.58
C PRO A 309 1.68 -5.32 -2.14
N GLN A 310 2.28 -4.34 -1.47
CA GLN A 310 1.55 -3.16 -1.02
C GLN A 310 0.74 -2.54 -2.17
N TYR A 311 1.29 -2.54 -3.37
CA TYR A 311 0.62 -1.91 -4.51
C TYR A 311 -0.50 -2.76 -5.07
N ASP A 312 -0.44 -4.08 -4.90
CA ASP A 312 -1.60 -4.91 -5.19
C ASP A 312 -2.70 -4.68 -4.15
N GLU A 313 -2.30 -4.47 -2.90
CA GLU A 313 -3.26 -4.10 -1.87
C GLU A 313 -3.97 -2.82 -2.24
N ASN A 314 -3.22 -1.76 -2.53
CA ASN A 314 -3.82 -0.44 -2.76
C ASN A 314 -4.73 -0.46 -3.98
N ILE A 315 -4.33 -1.15 -5.05
CA ILE A 315 -5.11 -1.10 -6.28
C ILE A 315 -6.45 -1.80 -6.10
N GLN A 316 -6.49 -2.84 -5.26
CA GLN A 316 -7.73 -3.60 -5.10
C GLN A 316 -8.82 -2.83 -4.38
N ARG A 317 -8.50 -1.69 -3.75
CA ARG A 317 -9.52 -0.92 -3.07
C ARG A 317 -9.97 0.31 -3.85
N LEU A 318 -9.40 0.54 -5.03
CA LEU A 318 -9.82 1.66 -5.86
C LEU A 318 -11.11 1.33 -6.60
N PRO A 319 -11.77 2.33 -7.19
CA PRO A 319 -13.05 2.08 -7.85
C PRO A 319 -12.91 1.15 -9.05
N LYS A 320 -14.03 0.51 -9.40
CA LYS A 320 -14.04 -0.46 -10.49
C LYS A 320 -13.48 0.13 -11.78
N HIS A 321 -13.89 1.35 -12.14
CA HIS A 321 -13.48 1.91 -13.42
C HIS A 321 -11.98 2.16 -13.46
N ILE A 322 -11.36 2.40 -12.31
CA ILE A 322 -9.89 2.47 -12.25
C ILE A 322 -9.29 1.08 -12.38
N PHE A 323 -9.80 0.14 -11.56
CA PHE A 323 -9.24 -1.20 -11.55
C PHE A 323 -9.35 -1.86 -12.92
N GLN A 324 -10.46 -1.64 -13.61
CA GLN A 324 -10.72 -2.29 -14.88
C GLN A 324 -10.18 -1.50 -16.08
N ASP A 325 -9.49 -0.39 -15.83
CA ASP A 325 -8.86 0.34 -16.92
C ASP A 325 -7.81 -0.52 -17.59
N LYS A 326 -7.81 -0.53 -18.92
CA LYS A 326 -6.89 -1.39 -19.67
C LYS A 326 -5.45 -1.18 -19.24
N LEU A 327 -5.08 0.05 -18.86
CA LEU A 327 -3.71 0.30 -18.45
C LEU A 327 -3.39 -0.36 -17.12
N VAL A 328 -4.32 -0.29 -16.17
CA VAL A 328 -4.13 -0.99 -14.89
C VAL A 328 -4.17 -2.50 -15.11
N GLN A 329 -5.06 -2.97 -15.97
CA GLN A 329 -5.09 -4.40 -16.30
C GLN A 329 -3.75 -4.86 -16.86
N MET A 330 -3.20 -4.08 -17.78
CA MET A 330 -1.90 -4.43 -18.37
C MET A 330 -0.82 -4.51 -17.30
N ALA A 331 -0.74 -3.48 -16.45
CA ALA A 331 0.25 -3.48 -15.38
C ALA A 331 0.06 -4.69 -14.47
N LEU A 332 -1.18 -5.03 -14.16
CA LEU A 332 -1.43 -6.18 -13.29
C LEU A 332 -0.97 -7.47 -13.95
N CYS A 333 -1.24 -7.63 -15.25
CA CYS A 333 -0.72 -8.77 -15.98
C CYS A 333 0.79 -8.86 -15.84
N PHE A 334 1.48 -7.73 -15.98
CA PHE A 334 2.94 -7.73 -15.88
C PHE A 334 3.41 -8.13 -14.49
N ARG A 335 2.77 -7.58 -13.45
CA ARG A 335 3.10 -7.97 -12.09
C ARG A 335 2.93 -9.47 -11.88
N ARG A 336 1.97 -10.08 -12.58
CA ARG A 336 1.72 -11.50 -12.42
C ARG A 336 2.74 -12.34 -13.18
N VAL A 337 3.01 -12.02 -14.44
CA VAL A 337 3.96 -12.83 -15.18
C VAL A 337 5.35 -12.69 -14.57
N ILE A 338 5.63 -11.55 -13.95
CA ILE A 338 6.97 -11.30 -13.40
C ILE A 338 7.16 -12.00 -12.08
N SER A 339 6.09 -12.25 -11.33
CA SER A 339 6.19 -12.90 -10.03
C SER A 339 6.99 -14.20 -10.16
N ASN A 340 7.77 -14.52 -9.13
CA ASN A 340 8.64 -15.68 -9.17
C ASN A 340 8.92 -16.14 -7.75
N SER A 341 8.55 -17.40 -7.44
CA SER A 341 8.74 -17.95 -6.12
C SER A 341 10.21 -18.16 -5.78
N ALA A 342 11.11 -18.05 -6.75
CA ALA A 342 12.54 -18.20 -6.52
C ALA A 342 13.29 -16.88 -6.61
N TYR A 343 12.58 -15.75 -6.73
CA TYR A 343 13.23 -14.46 -6.72
C TYR A 343 14.00 -14.30 -5.41
N THR A 344 15.27 -13.89 -5.50
CA THR A 344 16.20 -13.96 -4.39
C THR A 344 16.88 -12.62 -4.21
N GLU A 345 16.76 -12.06 -3.01
CA GLU A 345 17.31 -10.75 -2.68
C GLU A 345 17.18 -10.52 -1.19
N ARG A 346 18.26 -10.06 -0.55
CA ARG A 346 18.21 -9.78 0.88
C ARG A 346 16.97 -8.97 1.22
N GLY A 347 16.14 -9.52 2.11
CA GLY A 347 14.96 -8.81 2.57
C GLY A 347 13.71 -9.04 1.76
N PHE A 348 13.77 -9.84 0.70
CA PHE A 348 12.57 -10.21 -0.06
C PHE A 348 12.09 -11.57 0.39
N VAL A 349 10.83 -11.63 0.81
CA VAL A 349 10.21 -12.88 1.23
C VAL A 349 9.57 -13.53 0.01
N LYS A 350 9.97 -14.77 -0.27
CA LYS A 350 9.37 -15.50 -1.39
C LYS A 350 7.96 -15.93 -1.03
N THR A 351 7.08 -15.93 -2.04
CA THR A 351 5.70 -16.32 -1.84
C THR A 351 5.34 -17.47 -2.77
N GLU A 352 4.20 -18.10 -2.47
CA GLU A 352 3.84 -19.38 -3.06
C GLU A 352 3.33 -19.22 -4.49
N ASN A 353 3.60 -20.25 -5.30
CA ASN A 353 2.87 -20.51 -6.54
C ASN A 353 2.99 -19.40 -7.56
N CYS A 354 4.08 -18.63 -7.54
CA CYS A 354 4.25 -17.59 -8.54
C CYS A 354 4.40 -18.21 -9.92
N LEU A 355 4.15 -17.39 -10.94
CA LEU A 355 4.10 -17.88 -12.31
C LEU A 355 5.46 -17.95 -12.97
N ASN A 356 6.32 -16.96 -12.73
CA ASN A 356 7.57 -16.81 -13.46
C ASN A 356 7.35 -17.00 -14.96
N PHE A 357 6.34 -16.30 -15.47
CA PHE A 357 5.97 -16.37 -16.89
C PHE A 357 6.83 -15.39 -17.70
N TYR A 358 8.11 -15.76 -17.83
CA TYR A 358 9.03 -14.96 -18.63
C TYR A 358 8.64 -14.94 -20.10
N ALA A 359 8.15 -16.08 -20.63
CA ALA A 359 7.74 -16.12 -22.03
C ALA A 359 6.58 -15.18 -22.29
N ARG A 360 5.59 -15.17 -21.40
CA ARG A 360 4.47 -14.26 -21.57
C ARG A 360 4.93 -12.81 -21.42
N PHE A 361 5.86 -12.56 -20.50
CA PHE A 361 6.39 -11.21 -20.36
C PHE A 361 6.89 -10.67 -21.69
N PHE A 362 7.72 -11.44 -22.37
CA PHE A 362 8.28 -10.97 -23.65
C PHE A 362 7.25 -10.99 -24.77
N GLN A 363 6.19 -11.79 -24.66
CA GLN A 363 5.07 -11.65 -25.58
C GLN A 363 4.38 -10.30 -25.40
N LEU A 364 4.10 -9.92 -24.15
CA LEU A 364 3.41 -8.67 -23.88
C LEU A 364 4.27 -7.46 -24.23
N MET A 365 5.58 -7.52 -23.93
CA MET A 365 6.47 -6.43 -24.30
C MET A 365 6.44 -6.15 -25.79
N GLN A 366 6.04 -7.13 -26.61
CA GLN A 366 5.99 -6.97 -28.05
C GLN A 366 4.61 -6.59 -28.56
N SER A 367 3.61 -6.52 -27.68
CA SER A 367 2.28 -6.15 -28.14
C SER A 367 2.27 -4.70 -28.60
N PRO A 368 1.64 -4.39 -29.74
CA PRO A 368 1.43 -2.98 -30.11
C PRO A 368 0.42 -2.28 -29.24
N SER A 369 -0.34 -3.02 -28.43
CA SER A 369 -1.26 -2.42 -27.47
C SER A 369 -0.57 -2.03 -26.16
N LEU A 370 0.70 -2.37 -25.99
CA LEU A 370 1.45 -1.95 -24.82
C LEU A 370 1.79 -0.48 -24.94
N PRO A 371 1.30 0.39 -24.05
CA PRO A 371 1.72 1.80 -24.11
C PRO A 371 3.23 1.91 -24.01
N LEU A 372 3.80 2.73 -24.89
CA LEU A 372 5.25 2.78 -25.02
C LEU A 372 5.93 3.19 -23.71
N LEU A 373 5.41 4.23 -23.05
CA LEU A 373 6.03 4.67 -21.81
C LEU A 373 5.95 3.61 -20.73
N MET A 374 4.88 2.81 -20.72
CA MET A 374 4.82 1.67 -19.82
C MET A 374 5.91 0.66 -20.17
N GLY A 375 6.07 0.37 -21.47
CA GLY A 375 7.14 -0.51 -21.89
C GLY A 375 8.51 -0.04 -21.43
N PHE A 376 8.76 1.28 -21.55
CA PHE A 376 10.02 1.83 -21.04
C PHE A 376 10.22 1.49 -19.57
N PHE A 377 9.15 1.59 -18.77
CA PHE A 377 9.28 1.28 -17.36
C PHE A 377 9.61 -0.19 -17.16
N LEU A 378 8.96 -1.06 -17.93
CA LEU A 378 9.15 -2.49 -17.78
C LEU A 378 10.52 -2.96 -18.26
N GLN A 379 11.17 -2.21 -19.16
CA GLN A 379 12.50 -2.58 -19.59
C GLN A 379 13.50 -2.64 -18.43
N MET A 380 13.22 -1.95 -17.33
CA MET A 380 14.11 -1.98 -16.19
C MET A 380 14.34 -3.39 -15.65
N HIS A 381 13.42 -4.32 -15.92
CA HIS A 381 13.48 -5.66 -15.34
C HIS A 381 13.93 -6.72 -16.34
N LEU A 382 14.42 -6.31 -17.51
CA LEU A 382 14.80 -7.27 -18.54
C LEU A 382 15.84 -8.27 -18.02
N THR A 383 16.91 -7.76 -17.39
CA THR A 383 17.99 -8.63 -16.93
C THR A 383 17.50 -9.58 -15.83
N ASP A 384 16.78 -9.05 -14.85
CA ASP A 384 16.24 -9.88 -13.78
C ASP A 384 15.38 -11.00 -14.34
N ILE A 385 14.44 -10.65 -15.22
CA ILE A 385 13.53 -11.64 -15.78
C ILE A 385 14.32 -12.69 -16.55
N ARG A 386 15.31 -12.26 -17.31
CA ARG A 386 16.13 -13.19 -18.10
C ARG A 386 16.94 -14.10 -17.19
N PHE A 387 17.50 -13.56 -16.10
CA PHE A 387 18.27 -14.41 -15.20
C PHE A 387 17.41 -15.53 -14.63
N TYR A 388 16.23 -15.16 -14.10
CA TYR A 388 15.39 -16.16 -13.46
C TYR A 388 14.72 -17.09 -14.47
N ALA A 389 14.58 -16.65 -15.72
CA ALA A 389 14.15 -17.56 -16.78
C ALA A 389 15.19 -18.67 -16.98
N LEU A 390 16.45 -18.29 -17.15
CA LEU A 390 17.51 -19.29 -17.34
C LEU A 390 17.70 -20.11 -16.07
N ARG A 391 17.61 -19.46 -14.90
CA ARG A 391 17.72 -20.20 -13.65
C ARG A 391 16.65 -21.28 -13.57
N ALA A 392 15.40 -20.92 -13.87
CA ALA A 392 14.31 -21.90 -13.82
C ALA A 392 14.52 -22.99 -14.86
N LEU A 393 14.81 -22.60 -16.10
CA LEU A 393 14.99 -23.58 -17.16
C LEU A 393 16.10 -24.57 -16.82
N SER A 394 17.22 -24.08 -16.28
CA SER A 394 18.35 -24.96 -15.99
C SER A 394 17.98 -26.04 -14.98
N HIS A 395 17.11 -25.72 -14.01
CA HIS A 395 16.73 -26.72 -13.03
C HIS A 395 15.98 -27.90 -13.65
N THR A 396 15.42 -27.73 -14.85
CA THR A 396 14.69 -28.80 -15.50
C THR A 396 15.58 -29.70 -16.35
N LEU A 397 16.81 -29.26 -16.66
CA LEU A 397 17.70 -30.04 -17.51
C LEU A 397 18.43 -31.10 -16.69
N ASN A 398 18.48 -32.32 -17.22
CA ASN A 398 19.26 -33.36 -16.58
C ASN A 398 20.75 -33.04 -16.69
N LYS A 399 21.55 -33.78 -15.92
CA LYS A 399 22.96 -33.42 -15.75
C LYS A 399 23.71 -33.43 -17.06
N LYS A 400 23.39 -34.38 -17.95
CA LYS A 400 24.14 -34.54 -19.19
C LYS A 400 23.44 -33.89 -20.39
N HIS A 401 22.53 -32.95 -20.15
CA HIS A 401 21.84 -32.29 -21.25
C HIS A 401 22.79 -31.34 -21.97
N LYS A 402 22.63 -31.25 -23.28
CA LYS A 402 23.51 -30.42 -24.08
C LYS A 402 23.31 -28.93 -23.75
N PRO A 403 24.28 -28.09 -24.10
CA PRO A 403 24.08 -26.65 -23.93
C PRO A 403 22.93 -26.16 -24.80
N ILE A 404 22.27 -25.11 -24.34
CA ILE A 404 21.10 -24.56 -25.03
C ILE A 404 21.59 -23.58 -26.08
N PRO A 405 21.28 -23.78 -27.36
CA PRO A 405 21.73 -22.84 -28.39
C PRO A 405 21.29 -21.42 -28.08
N PHE A 406 22.12 -20.45 -28.51
CA PHE A 406 21.78 -19.04 -28.31
C PHE A 406 20.54 -18.65 -29.12
N ILE A 407 20.42 -19.14 -30.36
CA ILE A 407 19.25 -18.81 -31.16
C ILE A 407 17.98 -19.04 -30.36
N TYR A 408 17.92 -20.15 -29.62
CA TYR A 408 16.73 -20.48 -28.86
C TYR A 408 16.50 -19.49 -27.73
N LEU A 409 17.54 -19.23 -26.93
CA LEU A 409 17.40 -18.30 -25.81
C LEU A 409 17.19 -16.87 -26.30
N GLU A 410 17.71 -16.53 -27.48
CA GLU A 410 17.52 -15.17 -27.99
C GLU A 410 16.07 -14.93 -28.37
N ASN A 411 15.43 -15.92 -29.01
N ASN A 411 15.41 -15.90 -29.01
CA ASN A 411 14.01 -15.80 -29.32
CA ASN A 411 13.99 -15.74 -29.29
C ASN A 411 13.15 -15.92 -28.06
C ASN A 411 13.17 -15.85 -28.02
N MET A 412 13.60 -16.71 -27.09
CA MET A 412 12.84 -16.89 -25.86
C MET A 412 12.90 -15.64 -24.98
N LEU A 413 14.06 -15.01 -24.91
CA LEU A 413 14.27 -13.86 -24.05
C LEU A 413 14.44 -12.56 -24.83
N LEU A 414 14.30 -12.61 -26.14
CA LEU A 414 14.21 -11.41 -26.96
C LEU A 414 15.43 -10.51 -26.77
N PHE A 415 16.61 -11.12 -26.71
CA PHE A 415 17.84 -10.34 -26.70
C PHE A 415 17.94 -9.53 -28.00
N ASN A 416 18.63 -8.40 -27.92
CA ASN A 416 18.75 -7.53 -29.08
C ASN A 416 19.65 -8.12 -30.16
N ASN A 417 20.69 -8.86 -29.77
CA ASN A 417 21.65 -9.39 -30.73
C ASN A 417 22.53 -10.40 -30.00
N ARG A 418 23.41 -11.05 -30.77
CA ARG A 418 24.27 -12.08 -30.20
C ARG A 418 25.19 -11.50 -29.14
N GLN A 419 25.71 -10.30 -29.36
CA GLN A 419 26.66 -9.73 -28.40
C GLN A 419 26.01 -9.56 -27.02
N GLU A 420 24.73 -9.24 -26.97
CA GLU A 420 24.08 -9.04 -25.68
C GLU A 420 23.99 -10.35 -24.89
N ILE A 421 23.63 -11.45 -25.55
CA ILE A 421 23.49 -12.70 -24.80
C ILE A 421 24.86 -13.23 -24.41
N ILE A 422 25.90 -12.97 -25.21
CA ILE A 422 27.25 -13.31 -24.81
C ILE A 422 27.65 -12.54 -23.56
N GLU A 423 27.47 -11.22 -23.58
CA GLU A 423 27.78 -10.40 -22.42
C GLU A 423 26.94 -10.79 -21.22
N PHE A 424 25.69 -11.20 -21.45
CA PHE A 424 24.85 -11.66 -20.34
C PHE A 424 25.45 -12.91 -19.70
N CYS A 425 25.75 -13.93 -20.51
CA CYS A 425 26.36 -15.15 -19.97
C CYS A 425 27.68 -14.85 -19.28
N ASN A 426 28.49 -13.98 -19.87
CA ASN A 426 29.75 -13.61 -19.24
C ASN A 426 29.52 -13.00 -17.86
N TYR A 427 28.53 -12.12 -17.75
CA TYR A 427 28.27 -11.44 -16.48
C TYR A 427 27.91 -12.44 -15.40
N TYR A 428 27.06 -13.42 -15.71
CA TYR A 428 26.62 -14.41 -14.75
C TYR A 428 27.44 -15.71 -14.81
N SER A 429 28.60 -15.67 -15.47
CA SER A 429 29.50 -16.82 -15.52
C SER A 429 28.78 -18.07 -16.01
N ILE A 430 27.95 -17.91 -17.03
CA ILE A 430 27.36 -19.05 -17.73
C ILE A 430 28.31 -19.42 -18.86
N GLU A 431 28.86 -20.63 -18.78
CA GLU A 431 29.86 -21.05 -19.75
C GLU A 431 29.25 -21.06 -21.15
N ILE A 432 30.03 -20.58 -22.12
CA ILE A 432 29.63 -20.52 -23.51
C ILE A 432 30.40 -21.59 -24.26
N ILE A 433 29.66 -22.49 -24.91
CA ILE A 433 30.23 -23.58 -25.67
C ILE A 433 30.07 -23.28 -27.15
N ASN A 434 31.11 -23.58 -27.92
CA ASN A 434 31.07 -23.43 -29.37
C ASN A 434 30.85 -21.98 -29.80
N GLY A 435 30.93 -21.04 -28.87
CA GLY A 435 30.66 -19.64 -29.17
C GLY A 435 29.20 -19.30 -29.43
N ASP A 436 28.30 -20.29 -29.45
CA ASP A 436 26.89 -20.04 -29.79
C ASP A 436 25.93 -20.81 -28.90
N ALA A 437 26.36 -21.23 -27.72
CA ALA A 437 25.51 -22.04 -26.86
C ALA A 437 25.83 -21.77 -25.40
N ALA A 438 24.84 -21.97 -24.55
CA ALA A 438 24.96 -21.68 -23.12
C ALA A 438 24.82 -22.99 -22.35
N ASP A 439 25.84 -23.32 -21.57
CA ASP A 439 25.82 -24.53 -20.72
C ASP A 439 25.15 -24.13 -19.41
N LEU A 440 23.83 -24.30 -19.35
CA LEU A 440 23.06 -23.69 -18.27
C LEU A 440 23.41 -24.29 -16.91
N LYS A 441 23.88 -25.53 -16.86
CA LYS A 441 24.22 -26.12 -15.57
C LYS A 441 25.33 -25.33 -14.89
N THR A 442 26.19 -24.67 -15.66
CA THR A 442 27.28 -23.90 -15.08
C THR A 442 26.81 -22.63 -14.37
N LEU A 443 25.53 -22.25 -14.51
CA LEU A 443 24.98 -21.13 -13.77
C LEU A 443 24.94 -21.49 -12.28
N GLN A 444 25.84 -20.90 -11.50
CA GLN A 444 25.91 -21.19 -10.07
C GLN A 444 25.18 -20.17 -9.21
N HIS A 445 24.71 -19.07 -9.79
CA HIS A 445 24.05 -18.05 -9.00
C HIS A 445 22.57 -18.39 -8.84
N TYR A 446 22.05 -18.12 -7.64
CA TYR A 446 20.63 -18.23 -7.37
C TYR A 446 19.95 -16.87 -7.19
N SER A 447 20.72 -15.79 -7.28
CA SER A 447 20.18 -14.44 -7.22
C SER A 447 20.67 -13.66 -8.44
N HIS A 448 19.78 -12.85 -9.01
CA HIS A 448 20.16 -11.94 -10.08
C HIS A 448 21.18 -10.91 -9.62
N LYS A 449 21.27 -10.66 -8.31
CA LYS A 449 22.18 -9.65 -7.77
C LYS A 449 23.43 -10.35 -7.27
N LEU A 450 24.55 -10.08 -7.92
CA LEU A 450 25.82 -10.67 -7.50
C LEU A 450 26.40 -9.85 -6.36
N SER A 451 27.00 -10.55 -5.39
CA SER A 451 27.38 -9.91 -4.14
C SER A 451 28.43 -8.83 -4.34
N GLU A 452 29.50 -9.15 -5.06
CA GLU A 452 30.71 -8.33 -5.05
C GLU A 452 30.95 -7.60 -6.37
N THR A 453 29.88 -7.29 -7.09
CA THR A 453 30.03 -6.51 -8.33
C THR A 453 28.75 -5.76 -8.60
N GLN A 454 28.87 -4.70 -9.41
CA GLN A 454 27.72 -3.87 -9.71
C GLN A 454 26.80 -4.55 -10.72
N PRO A 455 25.51 -4.21 -10.71
CA PRO A 455 24.57 -4.86 -11.64
C PRO A 455 25.02 -4.70 -13.08
N LEU A 456 24.58 -5.63 -13.92
CA LEU A 456 24.73 -5.49 -15.36
C LEU A 456 24.01 -4.23 -15.82
N LYS A 457 24.60 -3.52 -16.79
CA LYS A 457 24.00 -2.28 -17.25
C LYS A 457 22.59 -2.51 -17.75
N LYS A 458 21.72 -1.54 -17.51
CA LYS A 458 20.37 -1.63 -18.03
C LYS A 458 20.40 -1.73 -19.54
N THR A 459 19.35 -2.32 -20.10
CA THR A 459 19.25 -2.52 -21.53
C THR A 459 17.82 -2.22 -21.95
N TYR A 460 17.54 -2.41 -23.23
CA TYR A 460 16.28 -2.02 -23.83
C TYR A 460 15.89 -3.10 -24.85
N LEU A 461 14.68 -2.96 -25.39
CA LEU A 461 14.21 -3.82 -26.46
C LEU A 461 14.18 -3.06 -27.78
N THR A 462 14.64 -3.71 -28.85
CA THR A 462 14.66 -3.09 -30.17
C THR A 462 13.27 -2.63 -30.58
N CYS A 463 12.24 -3.45 -30.31
CA CYS A 463 10.89 -3.11 -30.77
C CYS A 463 10.38 -1.82 -30.14
N LEU A 464 10.74 -1.55 -28.88
CA LEU A 464 10.29 -0.30 -28.27
C LEU A 464 11.11 0.89 -28.75
N GLU A 465 12.40 0.69 -29.07
CA GLU A 465 13.16 1.76 -29.70
C GLU A 465 12.60 2.07 -31.08
N ARG A 466 12.22 1.04 -31.84
CA ARG A 466 11.64 1.27 -33.16
C ARG A 466 10.33 2.03 -33.05
N ARG A 467 9.51 1.69 -32.06
CA ARG A 467 8.26 2.42 -31.86
C ARG A 467 8.52 3.87 -31.47
N LEU A 468 9.53 4.11 -30.64
CA LEU A 468 9.86 5.48 -30.26
C LEU A 468 10.22 6.31 -31.48
N GLN A 469 11.04 5.76 -32.38
CA GLN A 469 11.42 6.48 -33.59
C GLN A 469 10.22 6.79 -34.50
N LYS A 470 9.07 6.16 -34.26
CA LYS A 470 7.88 6.42 -35.06
C LYS A 470 7.01 7.54 -34.50
N THR A 471 7.34 8.07 -33.31
CA THR A 471 6.57 9.13 -32.70
C THR A 471 7.51 10.24 -32.27
N THR A 472 6.96 11.22 -31.55
CA THR A 472 7.74 12.33 -31.01
C THR A 472 7.77 12.25 -29.50
N TYR A 473 8.85 12.79 -28.91
CA TYR A 473 8.89 12.87 -27.45
C TYR A 473 7.72 13.69 -26.92
N LYS A 474 7.50 14.85 -27.53
CA LYS A 474 6.42 15.74 -27.11
C LYS A 474 5.07 15.03 -27.12
N GLY A 475 4.77 14.34 -28.22
CA GLY A 475 3.51 13.61 -28.29
C GLY A 475 3.36 12.61 -27.16
N LEU A 476 4.44 11.92 -26.80
CA LEU A 476 4.39 10.95 -25.71
C LEU A 476 4.14 11.64 -24.37
N ILE A 477 4.80 12.77 -24.12
CA ILE A 477 4.67 13.43 -22.82
C ILE A 477 3.29 14.05 -22.66
N ASN A 478 2.70 14.55 -23.73
CA ASN A 478 1.35 15.11 -23.69
C ASN A 478 0.26 14.05 -23.81
N GLY A 479 0.61 12.77 -23.85
CA GLY A 479 -0.36 11.71 -23.94
C GLY A 479 -0.21 10.89 -25.21
N MET B 1 -27.37 18.60 47.41
CA MET B 1 -26.00 18.05 47.60
C MET B 1 -25.08 18.45 46.47
N ASP B 2 -23.86 18.85 46.81
CA ASP B 2 -22.84 19.20 45.82
C ASP B 2 -22.36 17.91 45.16
N MET B 3 -22.85 17.65 43.95
CA MET B 3 -22.54 16.40 43.29
C MET B 3 -21.14 16.39 42.69
N ALA B 4 -20.59 17.56 42.37
CA ALA B 4 -19.20 17.62 41.96
C ALA B 4 -18.28 17.19 43.09
N ASN B 5 -18.54 17.69 44.29
CA ASN B 5 -17.78 17.24 45.46
C ASN B 5 -17.97 15.75 45.71
N GLN B 6 -19.18 15.25 45.49
CA GLN B 6 -19.43 13.82 45.63
C GLN B 6 -18.68 13.03 44.58
N LEU B 7 -18.69 13.50 43.33
CA LEU B 7 -17.98 12.82 42.27
C LEU B 7 -16.49 12.73 42.58
N LEU B 8 -15.89 13.85 42.99
CA LEU B 8 -14.45 13.87 43.22
C LEU B 8 -14.08 12.97 44.40
N ASP B 9 -14.93 12.89 45.42
CA ASP B 9 -14.73 11.91 46.47
C ASP B 9 -14.62 10.51 45.87
N GLU B 10 -15.55 10.17 44.99
CA GLU B 10 -15.54 8.85 44.38
C GLU B 10 -14.26 8.64 43.56
N LEU B 11 -13.91 9.62 42.72
CA LEU B 11 -12.74 9.46 41.87
C LEU B 11 -11.46 9.39 42.69
N ALA B 12 -11.38 10.19 43.76
CA ALA B 12 -10.18 10.19 44.58
C ALA B 12 -9.94 8.84 45.25
N HIS B 13 -11.00 8.06 45.44
CA HIS B 13 -10.90 6.74 46.07
C HIS B 13 -11.06 5.61 45.06
N GLY B 14 -10.84 5.89 43.77
CA GLY B 14 -10.88 4.84 42.77
C GLY B 14 -12.24 4.28 42.47
N ASN B 15 -13.31 4.97 42.88
CA ASN B 15 -14.67 4.57 42.52
C ASN B 15 -15.04 5.31 41.25
N PHE B 16 -15.03 4.59 40.12
CA PHE B 16 -15.24 5.18 38.80
C PHE B 16 -16.60 4.79 38.22
N SER B 17 -17.57 4.51 39.09
CA SER B 17 -18.90 4.11 38.63
C SER B 17 -19.49 5.11 37.65
N HIS B 18 -19.26 6.41 37.88
CA HIS B 18 -19.84 7.46 37.05
C HIS B 18 -18.85 8.06 36.07
N LEU B 19 -17.61 7.59 36.05
CA LEU B 19 -16.59 8.13 35.14
C LEU B 19 -16.72 7.41 33.80
N THR B 20 -17.62 7.92 32.97
CA THR B 20 -17.86 7.38 31.64
C THR B 20 -18.35 8.49 30.73
N LEU B 21 -17.97 8.39 29.46
CA LEU B 21 -18.42 9.32 28.42
C LEU B 21 -19.77 8.92 27.84
N ASN B 22 -20.32 7.78 28.24
CA ASN B 22 -21.55 7.24 27.65
C ASN B 22 -22.75 7.81 28.41
N LEU B 23 -23.46 8.74 27.79
CA LEU B 23 -24.60 9.37 28.45
C LEU B 23 -25.78 8.44 28.62
N SER B 24 -25.90 7.40 27.79
CA SER B 24 -26.94 6.40 27.99
C SER B 24 -26.72 5.62 29.29
N GLN B 25 -25.54 5.74 29.90
CA GLN B 25 -25.28 5.23 31.24
C GLN B 25 -25.14 6.32 32.27
N ASN B 26 -24.65 7.49 31.86
CA ASN B 26 -24.25 8.56 32.75
C ASN B 26 -25.23 9.72 32.78
N GLY B 27 -26.27 9.69 31.94
CA GLY B 27 -27.04 10.86 31.59
C GLY B 27 -27.57 11.68 32.75
N ARG B 28 -28.39 11.07 33.60
CA ARG B 28 -29.02 11.83 34.68
C ARG B 28 -27.99 12.43 35.62
N GLU B 29 -26.96 11.65 35.97
CA GLU B 29 -25.92 12.18 36.85
C GLU B 29 -25.18 13.34 36.19
N ILE B 30 -24.85 13.20 34.91
CA ILE B 30 -24.13 14.28 34.22
C ILE B 30 -25.00 15.53 34.13
N ALA B 31 -26.30 15.35 33.88
CA ALA B 31 -27.19 16.50 33.77
C ALA B 31 -27.21 17.29 35.06
N ILE B 32 -27.35 16.60 36.20
CA ILE B 32 -27.27 17.26 37.49
C ILE B 32 -25.93 17.95 37.66
N LEU B 33 -24.84 17.26 37.30
CA LEU B 33 -23.51 17.86 37.41
C LEU B 33 -23.39 19.10 36.54
N GLN B 34 -23.89 19.03 35.30
CA GLN B 34 -23.79 20.17 34.41
C GLN B 34 -24.49 21.38 34.99
N LYS B 35 -25.71 21.18 35.52
CA LYS B 35 -26.43 22.29 36.14
C LYS B 35 -25.62 22.89 37.27
N GLN B 36 -25.04 22.05 38.12
CA GLN B 36 -24.32 22.56 39.29
C GLN B 36 -22.97 23.14 38.93
N LEU B 37 -22.32 22.65 37.87
CA LEU B 37 -21.04 23.19 37.47
C LEU B 37 -21.16 24.48 36.68
N THR B 38 -22.32 24.72 36.07
CA THR B 38 -22.56 25.97 35.37
C THR B 38 -22.24 27.15 36.27
N GLY B 39 -21.45 28.08 35.76
CA GLY B 39 -21.04 29.27 36.48
C GLY B 39 -19.60 29.24 36.95
N PHE B 40 -19.05 28.05 37.19
CA PHE B 40 -17.67 27.92 37.60
C PHE B 40 -16.77 27.88 36.37
N ASP B 41 -15.72 28.71 36.38
CA ASP B 41 -14.83 28.81 35.24
C ASP B 41 -13.78 27.70 35.29
N ASP B 42 -12.94 27.66 34.25
CA ASP B 42 -11.97 26.56 34.12
C ASP B 42 -11.03 26.51 35.31
N LYS B 43 -10.50 27.66 35.73
CA LYS B 43 -9.60 27.67 36.86
C LYS B 43 -10.28 27.18 38.14
N GLN B 44 -11.59 27.45 38.26
CA GLN B 44 -12.31 26.96 39.43
C GLN B 44 -12.48 25.45 39.40
N LEU B 45 -12.82 24.87 38.25
CA LEU B 45 -12.88 23.42 38.13
C LEU B 45 -11.53 22.81 38.47
N GLU B 46 -10.45 23.36 37.91
CA GLU B 46 -9.11 22.88 38.23
C GLU B 46 -8.87 22.91 39.72
N THR B 47 -9.25 24.01 40.39
CA THR B 47 -8.99 24.13 41.81
C THR B 47 -9.81 23.12 42.61
N PHE B 48 -11.06 22.90 42.23
CA PHE B 48 -11.85 21.85 42.87
C PHE B 48 -11.09 20.55 42.93
N VAL B 49 -10.40 20.20 41.84
CA VAL B 49 -9.64 18.95 41.79
C VAL B 49 -8.36 19.08 42.59
N GLU B 50 -7.62 20.18 42.39
CA GLU B 50 -6.33 20.34 43.05
CA GLU B 50 -6.33 20.34 43.05
C GLU B 50 -6.47 20.22 44.56
N GLN B 51 -7.44 20.91 45.14
CA GLN B 51 -7.56 21.01 46.59
C GLN B 51 -8.47 19.94 47.20
N HIS B 52 -9.08 19.07 46.41
CA HIS B 52 -9.95 18.06 46.99
C HIS B 52 -9.16 17.19 47.97
N PRO B 53 -9.71 16.89 49.15
CA PRO B 53 -8.86 16.30 50.22
C PRO B 53 -8.16 15.02 49.82
N ALA B 54 -8.89 14.02 49.38
CA ALA B 54 -8.31 12.71 49.11
C ALA B 54 -7.65 12.61 47.74
N MET B 55 -7.63 13.69 46.96
CA MET B 55 -7.18 13.61 45.58
C MET B 55 -5.75 13.07 45.53
N PRO B 56 -5.49 11.99 44.79
CA PRO B 56 -4.10 11.53 44.61
C PRO B 56 -3.22 12.65 44.09
N ASN B 57 -2.03 12.78 44.69
CA ASN B 57 -1.09 13.83 44.32
C ASN B 57 -0.36 13.47 43.02
N ASP B 58 -1.16 13.28 41.98
CA ASP B 58 -0.66 12.86 40.67
C ASP B 58 -1.14 13.85 39.63
N THR B 59 -0.20 14.47 38.92
CA THR B 59 -0.54 15.49 37.93
C THR B 59 -1.51 14.94 36.89
N ARG B 60 -1.21 13.77 36.33
CA ARG B 60 -2.05 13.24 35.25
C ARG B 60 -3.44 12.84 35.78
N PHE B 61 -3.52 12.36 37.01
CA PHE B 61 -4.82 11.97 37.54
C PHE B 61 -5.72 13.20 37.74
N LYS B 62 -5.15 14.28 38.30
CA LYS B 62 -5.91 15.51 38.47
C LYS B 62 -6.28 16.11 37.12
N ILE B 63 -5.38 16.06 36.14
CA ILE B 63 -5.73 16.50 34.79
C ILE B 63 -6.93 15.74 34.28
N MET B 64 -6.99 14.43 34.57
CA MET B 64 -8.10 13.61 34.10
C MET B 64 -9.40 13.98 34.80
N CYS B 65 -9.36 14.13 36.13
CA CYS B 65 -10.54 14.55 36.87
C CYS B 65 -11.04 15.90 36.39
N THR B 66 -10.12 16.88 36.26
CA THR B 66 -10.51 18.19 35.76
C THR B 66 -11.10 18.09 34.37
N SER B 67 -10.47 17.30 33.49
CA SER B 67 -11.01 17.11 32.14
C SER B 67 -12.44 16.61 32.18
N PHE B 68 -12.77 15.76 33.15
CA PHE B 68 -14.12 15.23 33.23
C PHE B 68 -15.10 16.29 33.74
N LEU B 69 -14.67 17.16 34.66
CA LEU B 69 -15.54 18.25 35.10
C LEU B 69 -15.84 19.19 33.94
N ASN B 70 -14.80 19.57 33.19
CA ASN B 70 -15.02 20.35 31.98
C ASN B 70 -16.04 19.67 31.07
N TYR B 71 -15.85 18.37 30.83
CA TYR B 71 -16.79 17.63 29.99
C TYR B 71 -18.21 17.74 30.53
N ALA B 72 -18.38 17.47 31.83
CA ALA B 72 -19.72 17.49 32.41
C ALA B 72 -20.34 18.88 32.32
N ARG B 73 -19.52 19.92 32.49
CA ARG B 73 -20.02 21.29 32.49
C ARG B 73 -20.49 21.71 31.10
N ASP B 74 -19.71 21.39 30.07
CA ASP B 74 -19.91 21.96 28.74
C ASP B 74 -20.52 20.98 27.74
N VAL B 75 -20.78 19.73 28.13
CA VAL B 75 -21.29 18.77 27.16
C VAL B 75 -22.64 19.24 26.63
N ASP B 76 -22.81 19.11 25.31
CA ASP B 76 -24.07 19.40 24.64
C ASP B 76 -24.62 18.09 24.10
N PRO B 77 -25.48 17.40 24.85
CA PRO B 77 -25.94 16.07 24.39
C PRO B 77 -26.66 16.10 23.05
N TRP B 78 -27.11 17.27 22.60
CA TRP B 78 -27.78 17.38 21.32
C TRP B 78 -26.83 17.42 20.14
N SER B 79 -25.51 17.46 20.37
CA SER B 79 -24.54 17.61 19.30
C SER B 79 -23.31 16.78 19.65
N ALA B 80 -23.10 15.68 18.92
CA ALA B 80 -21.91 14.88 19.11
C ALA B 80 -20.66 15.62 18.65
N TRP B 81 -20.78 16.40 17.57
CA TRP B 81 -19.65 17.17 17.08
C TRP B 81 -19.25 18.25 18.09
N SER B 82 -20.21 19.09 18.48
CA SER B 82 -19.90 20.18 19.40
C SER B 82 -19.25 19.67 20.67
N SER B 83 -19.69 18.51 21.16
CA SER B 83 -19.14 17.96 22.39
C SER B 83 -17.84 17.21 22.18
N SER B 84 -17.40 17.01 20.94
CA SER B 84 -16.33 16.06 20.66
C SER B 84 -15.00 16.49 21.27
N ASP B 85 -14.73 17.80 21.33
CA ASP B 85 -13.46 18.25 21.89
C ASP B 85 -13.36 17.87 23.36
N LEU B 86 -14.46 18.00 24.10
CA LEU B 86 -14.46 17.54 25.49
C LEU B 86 -14.27 16.04 25.57
N ILE B 87 -14.95 15.30 24.69
CA ILE B 87 -14.96 13.85 24.76
C ILE B 87 -13.57 13.29 24.45
N PHE B 88 -12.98 13.72 23.34
CA PHE B 88 -11.67 13.20 22.97
C PHE B 88 -10.57 13.72 23.89
N GLU B 89 -10.69 14.96 24.36
CA GLU B 89 -9.73 15.45 25.34
C GLU B 89 -9.73 14.58 26.59
N PHE B 90 -10.92 14.31 27.14
CA PHE B 90 -10.98 13.49 28.35
C PHE B 90 -10.43 12.10 28.10
N TYR B 91 -10.78 11.50 26.96
CA TYR B 91 -10.30 10.15 26.67
C TYR B 91 -8.78 10.10 26.68
N GLN B 92 -8.15 11.06 26.01
CA GLN B 92 -6.68 11.11 26.01
C GLN B 92 -6.15 11.28 27.43
N CYS B 93 -6.77 12.16 28.22
CA CYS B 93 -6.36 12.32 29.62
C CYS B 93 -6.53 11.02 30.38
N LEU B 94 -7.58 10.26 30.07
CA LEU B 94 -7.81 8.99 30.78
C LEU B 94 -6.71 7.98 30.45
N ILE B 95 -6.43 7.78 29.17
CA ILE B 95 -5.39 6.83 28.79
C ILE B 95 -4.04 7.27 29.33
N ASN B 96 -3.79 8.59 29.37
CA ASN B 96 -2.53 9.08 29.91
C ASN B 96 -2.34 8.64 31.37
N CYS B 97 -3.44 8.38 32.08
CA CYS B 97 -3.36 7.91 33.45
C CYS B 97 -2.96 6.45 33.55
N LEU B 98 -2.81 5.76 32.43
CA LEU B 98 -2.37 4.36 32.41
C LEU B 98 -0.93 4.19 31.97
N ILE B 99 -0.27 5.26 31.53
CA ILE B 99 1.06 5.14 30.96
C ILE B 99 2.06 4.72 32.01
N ASN B 100 2.01 5.36 33.18
CA ASN B 100 2.85 4.97 34.31
C ASN B 100 2.27 3.71 34.94
N ASP B 101 3.09 2.66 35.02
CA ASP B 101 2.63 1.39 35.57
C ASP B 101 2.20 1.52 37.04
N ASN B 102 2.75 2.49 37.76
CA ASN B 102 2.40 2.72 39.15
C ASN B 102 1.47 3.93 39.32
N ALA B 103 0.71 4.28 38.29
CA ALA B 103 -0.21 5.40 38.39
C ALA B 103 -1.26 5.12 39.45
N PRO B 104 -1.83 6.16 40.05
CA PRO B 104 -2.86 5.94 41.07
C PRO B 104 -4.07 5.25 40.48
N HIS B 105 -4.61 4.29 41.23
CA HIS B 105 -5.85 3.61 40.87
C HIS B 105 -5.78 2.95 39.50
N ILE B 106 -4.58 2.63 39.00
CA ILE B 106 -4.47 2.18 37.62
C ILE B 106 -5.30 0.92 37.40
N GLU B 107 -5.37 0.04 38.41
CA GLU B 107 -6.10 -1.21 38.24
C GLU B 107 -7.59 -0.98 38.14
N MET B 108 -8.12 -0.07 38.96
CA MET B 108 -9.53 0.32 38.81
C MET B 108 -9.77 1.04 37.49
N LEU B 109 -8.75 1.73 36.96
CA LEU B 109 -8.94 2.53 35.76
C LEU B 109 -8.94 1.69 34.48
N ILE B 110 -8.32 0.51 34.51
CA ILE B 110 -8.17 -0.34 33.32
C ILE B 110 -9.54 -0.65 32.74
N PRO B 111 -10.48 -1.20 33.52
CA PRO B 111 -11.81 -1.44 32.94
C PRO B 111 -12.47 -0.17 32.40
N VAL B 112 -12.28 0.96 33.09
CA VAL B 112 -12.81 2.21 32.58
C VAL B 112 -12.24 2.50 31.19
N ALA B 113 -10.92 2.37 31.05
CA ALA B 113 -10.26 2.70 29.79
C ALA B 113 -10.75 1.83 28.64
N THR B 114 -10.94 0.53 28.88
CA THR B 114 -11.45 -0.33 27.81
C THR B 114 -12.88 0.04 27.47
N ARG B 115 -13.72 0.23 28.49
CA ARG B 115 -15.09 0.68 28.26
C ARG B 115 -15.12 1.95 27.43
N GLU B 116 -14.38 2.97 27.86
CA GLU B 116 -14.34 4.23 27.13
C GLU B 116 -13.72 4.07 25.75
N THR B 117 -12.74 3.17 25.63
CA THR B 117 -12.13 2.93 24.32
C THR B 117 -13.16 2.49 23.31
N GLU B 118 -14.05 1.56 23.71
CA GLU B 118 -15.09 1.12 22.81
C GLU B 118 -16.04 2.24 22.45
N PHE B 119 -16.37 3.09 23.43
CA PHE B 119 -17.24 4.25 23.15
C PHE B 119 -16.58 5.19 22.14
N ILE B 120 -15.34 5.61 22.41
CA ILE B 120 -14.72 6.63 21.58
C ILE B 120 -14.44 6.11 20.18
N ILE B 121 -14.11 4.81 20.05
CA ILE B 121 -13.90 4.24 18.72
C ILE B 121 -15.18 4.36 17.89
N ASN B 122 -16.31 3.98 18.49
CA ASN B 122 -17.59 4.10 17.79
C ASN B 122 -17.90 5.55 17.44
N LEU B 123 -17.64 6.48 18.38
CA LEU B 123 -17.90 7.89 18.11
C LEU B 123 -16.94 8.41 17.05
N ALA B 124 -15.70 7.93 17.05
CA ALA B 124 -14.73 8.38 16.06
C ALA B 124 -15.15 8.00 14.66
N GLY B 125 -15.61 6.75 14.47
CA GLY B 125 -16.12 6.36 13.18
C GLY B 125 -17.32 7.17 12.74
N LYS B 126 -18.22 7.46 13.69
CA LYS B 126 -19.35 8.33 13.41
C LYS B 126 -18.89 9.67 12.85
N LEU B 127 -17.96 10.33 13.55
CA LEU B 127 -17.53 11.67 13.13
C LEU B 127 -16.69 11.60 11.86
N ASP B 128 -15.87 10.56 11.72
CA ASP B 128 -15.05 10.43 10.51
C ASP B 128 -15.92 10.32 9.26
N SER B 129 -17.12 9.77 9.38
CA SER B 129 -18.00 9.66 8.22
C SER B 129 -18.43 11.03 7.71
N PHE B 130 -18.32 12.07 8.54
CA PHE B 130 -18.69 13.43 8.16
C PHE B 130 -17.47 14.30 7.90
N HIS B 131 -16.33 13.69 7.56
CA HIS B 131 -15.07 14.43 7.47
C HIS B 131 -15.16 15.59 6.48
N LEU B 132 -15.90 15.42 5.39
CA LEU B 132 -16.05 16.52 4.44
C LEU B 132 -16.80 17.69 5.07
N GLN B 133 -17.85 17.38 5.84
CA GLN B 133 -18.62 18.44 6.48
C GLN B 133 -17.86 19.06 7.65
N LEU B 134 -16.99 18.29 8.29
CA LEU B 134 -16.21 18.77 9.42
C LEU B 134 -14.84 19.30 9.03
N HIS B 135 -14.53 19.35 7.73
CA HIS B 135 -13.24 19.84 7.25
C HIS B 135 -12.08 19.11 7.92
N THR B 136 -12.24 17.81 8.12
CA THR B 136 -11.18 16.95 8.63
C THR B 136 -10.76 15.96 7.55
N ARG B 137 -9.52 15.49 7.63
CA ARG B 137 -9.07 14.50 6.67
C ARG B 137 -9.70 13.14 6.99
N SER B 138 -9.63 12.25 6.01
CA SER B 138 -10.22 10.92 6.17
C SER B 138 -9.59 10.22 7.37
N HIS B 139 -10.44 9.68 8.25
CA HIS B 139 -10.04 8.88 9.39
C HIS B 139 -9.27 9.67 10.44
N GLN B 140 -9.42 11.00 10.47
CA GLN B 140 -8.64 11.81 11.40
C GLN B 140 -8.96 11.47 12.85
N PHE B 141 -10.24 11.32 13.18
CA PHE B 141 -10.63 11.00 14.55
C PHE B 141 -10.09 9.63 14.97
N LEU B 142 -10.50 8.58 14.26
CA LEU B 142 -10.09 7.23 14.64
C LEU B 142 -8.58 7.07 14.60
N SER B 143 -7.91 7.76 13.69
CA SER B 143 -6.46 7.72 13.65
C SER B 143 -5.85 8.39 14.88
N HIS B 144 -6.49 9.44 15.39
CA HIS B 144 -6.07 10.03 16.64
C HIS B 144 -6.19 9.02 17.78
N ILE B 145 -7.23 8.19 17.74
CA ILE B 145 -7.41 7.16 18.76
C ILE B 145 -6.31 6.11 18.65
N SER B 146 -5.96 5.73 17.42
CA SER B 146 -4.89 4.76 17.25
C SER B 146 -3.60 5.26 17.89
N SER B 147 -3.30 6.54 17.72
CA SER B 147 -2.09 7.12 18.32
C SER B 147 -2.15 7.01 19.84
N ILE B 148 -3.31 7.31 20.43
CA ILE B 148 -3.47 7.20 21.88
C ILE B 148 -3.26 5.75 22.31
N LEU B 149 -3.97 4.82 21.68
CA LEU B 149 -3.83 3.41 22.03
C LEU B 149 -2.41 2.92 21.75
N SER B 150 -1.75 3.50 20.76
CA SER B 150 -0.37 3.10 20.45
C SER B 150 0.58 3.49 21.57
N ARG B 151 0.42 4.71 22.11
CA ARG B 151 1.26 5.12 23.24
C ARG B 151 1.01 4.23 24.45
N LEU B 152 -0.24 3.84 24.67
CA LEU B 152 -0.54 2.92 25.77
C LEU B 152 0.15 1.58 25.54
N PHE B 153 0.03 1.04 24.32
CA PHE B 153 0.67 -0.23 24.00
C PHE B 153 2.17 -0.16 24.26
N ASN B 154 2.81 0.94 23.87
CA ASN B 154 4.26 1.05 24.04
C ASN B 154 4.65 1.14 25.50
N SER B 155 3.75 1.58 26.38
CA SER B 155 4.06 1.70 27.80
C SER B 155 3.92 0.38 28.56
N ILE B 156 3.34 -0.65 27.95
CA ILE B 156 3.22 -1.94 28.60
C ILE B 156 4.56 -2.66 28.51
N LYS B 157 5.17 -2.93 29.68
CA LYS B 157 6.48 -3.53 29.69
C LYS B 157 6.39 -5.03 29.99
N PRO B 158 7.36 -5.82 29.52
CA PRO B 158 7.34 -7.25 29.79
C PRO B 158 7.59 -7.52 31.25
N PRO B 159 7.38 -8.76 31.70
CA PRO B 159 7.63 -9.08 33.10
C PRO B 159 9.12 -9.13 33.42
N ARG B 160 9.46 -8.70 34.62
CA ARG B 160 10.81 -8.90 35.12
C ARG B 160 11.09 -10.40 35.17
N GLY B 161 12.24 -10.79 34.64
CA GLY B 161 12.59 -12.20 34.53
C GLY B 161 12.49 -12.96 35.83
N ASN B 162 12.62 -12.26 36.96
CA ASN B 162 12.51 -12.86 38.29
C ASN B 162 11.49 -12.07 39.12
N ALA B 163 10.26 -11.99 38.60
CA ALA B 163 9.20 -11.26 39.28
C ALA B 163 8.86 -11.92 40.62
N SER B 164 8.47 -11.10 41.59
CA SER B 164 8.23 -11.59 42.94
C SER B 164 6.89 -12.29 43.08
N SER B 165 5.95 -12.07 42.17
CA SER B 165 4.63 -12.68 42.27
C SER B 165 4.13 -13.05 40.88
N THR B 166 3.04 -13.82 40.85
CA THR B 166 2.36 -14.19 39.62
C THR B 166 1.34 -13.15 39.16
N ASN B 167 1.19 -12.04 39.88
CA ASN B 167 0.16 -11.07 39.58
C ASN B 167 0.21 -10.64 38.12
N ILE B 168 -0.94 -10.71 37.46
CA ILE B 168 -1.10 -10.16 36.12
C ILE B 168 -1.65 -8.74 36.23
N PRO B 169 -0.80 -7.71 36.13
CA PRO B 169 -1.34 -6.34 36.19
C PRO B 169 -2.30 -6.09 35.05
N GLY B 170 -3.17 -5.09 35.26
CA GLY B 170 -4.22 -4.82 34.29
C GLY B 170 -3.67 -4.56 32.89
N LYS B 171 -2.57 -3.83 32.79
CA LYS B 171 -2.02 -3.52 31.46
C LYS B 171 -1.65 -4.79 30.71
N GLN B 172 -1.21 -5.84 31.43
CA GLN B 172 -0.94 -7.12 30.80
C GLN B 172 -2.22 -7.86 30.45
N ARG B 173 -3.23 -7.77 31.32
CA ARG B 173 -4.49 -8.47 31.07
C ARG B 173 -5.17 -7.98 29.80
N ILE B 174 -4.95 -6.73 29.41
CA ILE B 174 -5.56 -6.17 28.22
C ILE B 174 -4.57 -6.04 27.07
N LEU B 175 -3.39 -6.65 27.20
CA LEU B 175 -2.39 -6.53 26.15
C LEU B 175 -2.94 -7.02 24.81
N LEU B 176 -3.49 -8.23 24.76
CA LEU B 176 -4.02 -8.73 23.50
C LEU B 176 -5.27 -7.97 23.10
N TYR B 177 -6.15 -7.66 24.08
CA TYR B 177 -7.28 -6.79 23.80
C TYR B 177 -6.84 -5.55 23.04
N LEU B 178 -5.76 -4.93 23.52
CA LEU B 178 -5.27 -3.69 22.91
C LEU B 178 -4.68 -3.96 21.54
N VAL B 179 -3.88 -5.03 21.40
CA VAL B 179 -3.33 -5.39 20.10
C VAL B 179 -4.44 -5.49 19.05
N ASN B 180 -5.53 -6.16 19.40
CA ASN B 180 -6.59 -6.39 18.44
C ASN B 180 -7.36 -5.11 18.13
N LYS B 181 -7.70 -4.33 19.15
CA LYS B 181 -8.36 -3.05 18.90
C LYS B 181 -7.50 -2.19 17.96
N LEU B 182 -6.20 -2.14 18.24
CA LEU B 182 -5.31 -1.29 17.48
C LEU B 182 -5.17 -1.79 16.04
N ASN B 183 -4.98 -3.10 15.86
CA ASN B 183 -4.83 -3.64 14.52
C ASN B 183 -6.13 -3.53 13.73
N ASN B 184 -7.27 -3.72 14.39
CA ASN B 184 -8.55 -3.48 13.73
C ASN B 184 -8.66 -2.05 13.22
N ILE B 185 -8.24 -1.08 14.04
CA ILE B 185 -8.25 0.32 13.61
C ILE B 185 -7.41 0.49 12.35
N TYR B 186 -6.19 -0.04 12.37
CA TYR B 186 -5.30 0.12 11.23
C TYR B 186 -5.91 -0.48 9.97
N PHE B 187 -6.66 -1.58 10.11
CA PHE B 187 -7.39 -2.11 8.97
C PHE B 187 -8.53 -1.20 8.55
N ARG B 188 -9.26 -0.63 9.52
CA ARG B 188 -10.41 0.20 9.15
C ARG B 188 -9.97 1.48 8.46
N ILE B 189 -8.85 2.07 8.88
CA ILE B 189 -8.37 3.29 8.24
C ILE B 189 -7.60 2.94 6.97
N GLU B 190 -7.63 1.67 6.59
CA GLU B 190 -7.00 1.22 5.35
C GLU B 190 -5.50 1.48 5.36
N SER B 191 -4.87 1.22 6.50
CA SER B 191 -3.40 1.18 6.60
C SER B 191 -2.99 -0.04 7.41
N PRO B 192 -3.32 -1.24 6.93
CA PRO B 192 -3.00 -2.45 7.70
C PRO B 192 -1.50 -2.63 7.97
N GLN B 193 -0.63 -2.08 7.14
CA GLN B 193 0.80 -2.29 7.37
C GLN B 193 1.26 -1.68 8.68
N LEU B 194 0.49 -0.74 9.25
CA LEU B 194 0.84 -0.22 10.57
C LEU B 194 0.73 -1.30 11.64
N CYS B 195 0.07 -2.42 11.35
CA CYS B 195 0.04 -3.55 12.27
C CYS B 195 1.43 -4.12 12.52
N SER B 196 2.39 -3.83 11.64
CA SER B 196 3.70 -4.49 11.71
C SER B 196 4.33 -4.34 13.09
N ASN B 197 4.42 -3.10 13.58
CA ASN B 197 5.03 -2.88 14.89
C ASN B 197 4.23 -3.56 15.99
N ILE B 198 2.90 -3.52 15.90
CA ILE B 198 2.06 -4.14 16.91
C ILE B 198 2.32 -5.63 16.97
N PHE B 199 2.23 -6.31 15.82
CA PHE B 199 2.52 -7.73 15.76
C PHE B 199 3.94 -8.02 16.25
N LYS B 200 4.92 -7.25 15.77
CA LYS B 200 6.30 -7.50 16.14
C LYS B 200 6.50 -7.46 17.65
N ASN B 201 5.87 -6.51 18.33
CA ASN B 201 6.15 -6.26 19.74
C ASN B 201 5.15 -6.92 20.68
N PHE B 202 4.15 -7.65 20.15
CA PHE B 202 3.17 -8.30 21.02
C PHE B 202 3.83 -9.32 21.93
N GLN B 203 4.42 -10.37 21.36
CA GLN B 203 5.00 -11.42 22.18
C GLN B 203 6.08 -10.91 23.11
N PRO B 204 7.03 -10.08 22.68
CA PRO B 204 8.04 -9.57 23.62
C PRO B 204 7.44 -8.87 24.85
N LYS B 205 6.30 -8.22 24.72
CA LYS B 205 5.70 -7.55 25.87
C LYS B 205 4.89 -8.49 26.75
N SER B 206 4.47 -9.64 26.24
CA SER B 206 3.56 -10.50 26.98
C SER B 206 4.27 -11.23 28.11
N MET B 207 3.60 -11.34 29.25
CA MET B 207 4.13 -12.08 30.38
C MET B 207 3.68 -13.53 30.40
N LEU B 208 2.72 -13.90 29.57
CA LEU B 208 2.16 -15.25 29.59
C LEU B 208 3.08 -16.20 28.83
N ALA B 209 3.28 -17.40 29.39
CA ALA B 209 4.18 -18.36 28.78
C ALA B 209 3.63 -18.95 27.50
N HIS B 210 2.31 -18.96 27.32
CA HIS B 210 1.67 -19.56 26.16
C HIS B 210 0.62 -18.64 25.59
N PHE B 211 0.62 -18.50 24.26
CA PHE B 211 -0.45 -17.76 23.60
C PHE B 211 -1.82 -18.28 24.03
N ASN B 212 -1.95 -19.59 24.20
CA ASN B 212 -3.24 -20.18 24.58
C ASN B 212 -3.69 -19.77 25.98
N GLU B 213 -2.89 -19.02 26.72
CA GLU B 213 -3.31 -18.57 28.05
C GLU B 213 -4.17 -17.33 28.00
N TYR B 214 -4.27 -16.66 26.85
CA TYR B 214 -5.19 -15.56 26.68
C TYR B 214 -6.62 -16.06 26.49
N GLN B 215 -7.59 -15.16 26.64
CA GLN B 215 -8.97 -15.49 26.32
C GLN B 215 -9.05 -16.02 24.90
N LEU B 216 -9.87 -17.06 24.73
CA LEU B 216 -9.91 -17.73 23.43
C LEU B 216 -10.52 -16.82 22.36
N ASP B 217 -11.44 -15.93 22.74
CA ASP B 217 -12.00 -15.01 21.77
C ASP B 217 -10.95 -14.04 21.27
N GLN B 218 -10.06 -13.59 22.15
CA GLN B 218 -8.99 -12.69 21.72
C GLN B 218 -7.95 -13.41 20.88
N GLN B 219 -7.67 -14.68 21.22
CA GLN B 219 -6.80 -15.49 20.37
C GLN B 219 -7.35 -15.58 18.94
N ILE B 220 -8.63 -15.94 18.82
CA ILE B 220 -9.22 -16.15 17.50
C ILE B 220 -9.13 -14.88 16.66
N GLU B 221 -9.51 -13.74 17.23
CA GLU B 221 -9.47 -12.50 16.48
C GLU B 221 -8.04 -12.12 16.11
N TYR B 222 -7.09 -12.37 17.01
CA TYR B 222 -5.69 -12.11 16.70
C TYR B 222 -5.25 -12.92 15.49
N ARG B 223 -5.51 -14.23 15.51
CA ARG B 223 -5.14 -15.08 14.38
C ARG B 223 -5.86 -14.62 13.12
N TYR B 224 -7.10 -14.16 13.25
CA TYR B 224 -7.83 -13.65 12.11
C TYR B 224 -7.12 -12.45 11.49
N LEU B 225 -6.73 -11.48 12.33
CA LEU B 225 -6.07 -10.28 11.81
C LEU B 225 -4.65 -10.59 11.36
N LEU B 226 -3.96 -11.49 12.05
CA LEU B 226 -2.62 -11.86 11.61
C LEU B 226 -2.67 -12.58 10.27
N GLY B 227 -3.64 -13.48 10.10
CA GLY B 227 -3.79 -14.16 8.82
C GLY B 227 -4.08 -13.19 7.69
N ARG B 228 -4.93 -12.20 7.93
CA ARG B 228 -5.21 -11.18 6.92
C ARG B 228 -3.96 -10.35 6.64
N TYR B 229 -3.23 -9.95 7.68
CA TYR B 229 -1.99 -9.21 7.47
C TYR B 229 -1.01 -10.01 6.61
N TYR B 230 -0.81 -11.28 6.94
CA TYR B 230 0.03 -12.13 6.10
C TYR B 230 -0.47 -12.14 4.66
N LEU B 231 -1.76 -12.36 4.47
CA LEU B 231 -2.30 -12.48 3.11
C LEU B 231 -2.14 -11.18 2.33
N LEU B 232 -2.26 -10.03 3.00
CA LEU B 232 -1.97 -8.75 2.33
C LEU B 232 -0.56 -8.74 1.76
N ASN B 233 0.37 -9.42 2.42
CA ASN B 233 1.74 -9.53 1.92
C ASN B 233 1.95 -10.80 1.10
N SER B 234 0.87 -11.47 0.71
CA SER B 234 0.90 -12.62 -0.18
C SER B 234 1.68 -13.80 0.41
N GLN B 235 1.81 -13.85 1.73
CA GLN B 235 2.45 -14.99 2.40
C GLN B 235 1.35 -16.00 2.74
N VAL B 236 1.03 -16.83 1.74
CA VAL B 236 -0.19 -17.61 1.79
C VAL B 236 -0.14 -18.63 2.93
N HIS B 237 0.93 -19.40 3.02
CA HIS B 237 1.00 -20.43 4.06
C HIS B 237 1.00 -19.82 5.45
N ASN B 238 1.78 -18.76 5.66
CA ASN B 238 1.75 -18.06 6.94
C ASN B 238 0.33 -17.63 7.30
N ALA B 239 -0.41 -17.12 6.32
CA ALA B 239 -1.80 -16.76 6.55
C ALA B 239 -2.66 -17.98 6.84
N PHE B 240 -2.43 -19.08 6.11
CA PHE B 240 -3.30 -20.23 6.23
C PHE B 240 -3.32 -20.78 7.65
N VAL B 241 -2.14 -20.97 8.25
CA VAL B 241 -2.07 -21.58 9.57
C VAL B 241 -2.83 -20.74 10.58
N GLN B 242 -2.81 -19.42 10.42
CA GLN B 242 -3.57 -18.56 11.32
C GLN B 242 -5.07 -18.72 11.10
N PHE B 243 -5.53 -18.61 9.85
CA PHE B 243 -6.95 -18.79 9.58
C PHE B 243 -7.41 -20.17 10.02
N ASN B 244 -6.61 -21.20 9.74
CA ASN B 244 -6.99 -22.56 10.07
C ASN B 244 -7.09 -22.75 11.58
N GLU B 245 -6.10 -22.25 12.34
CA GLU B 245 -6.19 -22.33 13.79
C GLU B 245 -7.31 -21.45 14.33
N ALA B 246 -7.52 -20.28 13.72
CA ALA B 246 -8.60 -19.41 14.16
C ALA B 246 -9.96 -20.11 14.08
N PHE B 247 -10.21 -20.81 12.97
CA PHE B 247 -11.48 -21.52 12.83
C PHE B 247 -11.54 -22.71 13.79
N GLN B 248 -10.45 -23.46 13.92
CA GLN B 248 -10.42 -24.58 14.86
C GLN B 248 -10.73 -24.11 16.27
N SER B 249 -10.07 -23.06 16.73
CA SER B 249 -10.36 -22.52 18.06
C SER B 249 -11.81 -22.07 18.16
N LEU B 250 -12.34 -21.43 17.11
CA LEU B 250 -13.72 -20.97 17.13
C LEU B 250 -14.68 -22.15 17.28
N LEU B 251 -14.45 -23.23 16.52
CA LEU B 251 -15.25 -24.43 16.69
C LEU B 251 -15.23 -24.94 18.12
N ASN B 252 -14.20 -24.57 18.90
CA ASN B 252 -14.11 -24.91 20.31
C ASN B 252 -14.80 -23.88 21.20
N LEU B 253 -15.53 -22.86 20.60
CA LEU B 253 -16.30 -21.93 21.40
C LEU B 253 -17.76 -22.36 21.44
N PRO B 254 -18.42 -22.25 22.60
CA PRO B 254 -19.88 -22.47 22.62
C PRO B 254 -20.60 -21.41 21.80
N LEU B 255 -21.41 -21.86 20.83
N LEU B 255 -21.43 -21.89 20.87
CA LEU B 255 -22.10 -20.93 19.94
CA LEU B 255 -22.19 -21.03 19.97
C LEU B 255 -23.25 -20.26 20.69
C LEU B 255 -23.27 -20.27 20.71
N THR B 256 -22.88 -19.43 21.67
CA THR B 256 -23.87 -18.72 22.47
C THR B 256 -24.54 -17.61 21.68
N ASN B 257 -23.85 -17.03 20.70
CA ASN B 257 -24.31 -15.82 20.04
C ASN B 257 -24.21 -15.97 18.53
N GLN B 258 -25.04 -15.19 17.84
CA GLN B 258 -24.99 -15.15 16.38
C GLN B 258 -23.70 -14.50 15.90
N ALA B 259 -23.15 -13.55 16.67
CA ALA B 259 -21.90 -12.92 16.26
C ALA B 259 -20.78 -13.93 16.12
N ILE B 260 -20.85 -15.04 16.85
CA ILE B 260 -19.83 -16.07 16.72
C ILE B 260 -19.95 -16.80 15.39
N THR B 261 -21.18 -17.12 14.97
CA THR B 261 -21.38 -17.67 13.62
C THR B 261 -20.80 -16.73 12.57
N ARG B 262 -21.14 -15.44 12.67
CA ARG B 262 -20.67 -14.48 11.67
C ARG B 262 -19.17 -14.26 11.75
N ASN B 263 -18.58 -14.41 12.93
CA ASN B 263 -17.13 -14.34 13.04
C ASN B 263 -16.47 -15.55 12.40
N GLY B 264 -17.04 -16.74 12.63
CA GLY B 264 -16.57 -17.92 11.92
C GLY B 264 -16.67 -17.75 10.41
N THR B 265 -17.78 -17.19 9.94
CA THR B 265 -17.92 -16.90 8.52
C THR B 265 -16.79 -16.00 8.04
N ARG B 266 -16.45 -14.97 8.82
CA ARG B 266 -15.37 -14.08 8.42
C ARG B 266 -14.06 -14.84 8.24
N ILE B 267 -13.79 -15.80 9.13
CA ILE B 267 -12.58 -16.60 8.99
C ILE B 267 -12.64 -17.44 7.72
N LEU B 268 -13.75 -18.13 7.51
CA LEU B 268 -13.87 -19.02 6.35
C LEU B 268 -13.73 -18.27 5.05
N ASN B 269 -14.19 -17.02 4.99
CA ASN B 269 -14.07 -16.24 3.77
C ASN B 269 -12.61 -16.14 3.32
N TYR B 270 -11.67 -16.26 4.26
CA TYR B 270 -10.25 -16.25 3.93
C TYR B 270 -9.60 -17.62 4.01
N MET B 271 -10.06 -18.49 4.92
CA MET B 271 -9.46 -19.81 5.06
C MET B 271 -9.66 -20.65 3.80
N ILE B 272 -10.82 -20.51 3.17
CA ILE B 272 -11.16 -21.31 1.98
C ILE B 272 -10.21 -20.94 0.85
N PRO B 273 -10.20 -19.70 0.37
CA PRO B 273 -9.27 -19.37 -0.73
C PRO B 273 -7.81 -19.58 -0.37
N THR B 274 -7.44 -19.27 0.88
CA THR B 274 -6.06 -19.48 1.30
C THR B 274 -5.68 -20.96 1.20
N GLY B 275 -6.52 -21.84 1.73
CA GLY B 275 -6.23 -23.26 1.65
C GLY B 275 -6.22 -23.78 0.22
N LEU B 276 -7.08 -23.23 -0.64
CA LEU B 276 -7.12 -23.65 -2.02
C LEU B 276 -5.80 -23.37 -2.72
N ILE B 277 -5.26 -22.16 -2.53
CA ILE B 277 -3.96 -21.83 -3.11
C ILE B 277 -2.93 -22.87 -2.70
N LEU B 278 -3.00 -23.35 -1.47
CA LEU B 278 -2.09 -24.36 -0.97
C LEU B 278 -2.52 -25.78 -1.31
N GLY B 279 -3.51 -25.94 -2.18
CA GLY B 279 -3.94 -27.25 -2.61
C GLY B 279 -4.76 -28.00 -1.58
N LYS B 280 -5.48 -27.29 -0.71
CA LYS B 280 -6.36 -27.91 0.27
C LYS B 280 -7.79 -27.51 -0.01
N MET B 281 -8.70 -28.47 0.13
CA MET B 281 -10.13 -28.23 -0.06
C MET B 281 -10.89 -28.72 1.16
N VAL B 282 -11.87 -27.92 1.59
CA VAL B 282 -12.57 -28.20 2.85
C VAL B 282 -13.54 -29.35 2.65
N LYS B 283 -13.89 -29.99 3.78
CA LYS B 283 -15.10 -30.78 3.88
C LYS B 283 -16.18 -29.87 4.44
N TRP B 284 -17.27 -29.71 3.69
CA TRP B 284 -18.27 -28.70 4.04
C TRP B 284 -19.06 -29.03 5.30
N GLY B 285 -18.99 -30.27 5.79
CA GLY B 285 -19.74 -30.69 6.95
C GLY B 285 -19.61 -29.74 8.12
N PRO B 286 -18.40 -29.65 8.69
CA PRO B 286 -18.20 -28.73 9.83
C PRO B 286 -18.42 -27.26 9.49
N LEU B 287 -18.54 -26.90 8.21
CA LEU B 287 -18.72 -25.51 7.81
C LEU B 287 -20.17 -25.14 7.55
N ARG B 288 -21.09 -26.10 7.52
CA ARG B 288 -22.49 -25.81 7.25
C ARG B 288 -23.05 -24.72 8.16
N PRO B 289 -22.78 -24.68 9.47
CA PRO B 289 -23.39 -23.66 10.32
C PRO B 289 -22.89 -22.25 10.04
N PHE B 290 -21.78 -22.09 9.33
CA PHE B 290 -21.15 -20.79 9.14
C PHE B 290 -21.25 -20.26 7.72
N LEU B 291 -21.69 -21.07 6.76
CA LEU B 291 -21.76 -20.65 5.36
C LEU B 291 -23.13 -20.97 4.80
N SER B 292 -23.65 -20.05 4.00
CA SER B 292 -24.88 -20.33 3.27
C SER B 292 -24.62 -21.37 2.19
N GLN B 293 -25.71 -21.96 1.67
CA GLN B 293 -25.56 -22.94 0.61
C GLN B 293 -24.98 -22.28 -0.64
N GLU B 294 -25.34 -21.03 -0.90
CA GLU B 294 -24.85 -20.37 -2.11
C GLU B 294 -23.35 -20.14 -2.05
N THR B 295 -22.84 -19.68 -0.90
CA THR B 295 -21.40 -19.52 -0.77
C THR B 295 -20.69 -20.85 -0.92
N ILE B 296 -21.26 -21.92 -0.37
CA ILE B 296 -20.70 -23.26 -0.56
C ILE B 296 -20.70 -23.62 -2.04
N ASP B 297 -21.85 -23.43 -2.71
CA ASP B 297 -21.93 -23.70 -4.14
C ASP B 297 -20.87 -22.91 -4.90
N ASN B 298 -20.68 -21.64 -4.53
CA ASN B 298 -19.76 -20.79 -5.25
C ASN B 298 -18.33 -21.29 -5.14
N TRP B 299 -17.84 -21.49 -3.91
CA TRP B 299 -16.50 -22.03 -3.71
C TRP B 299 -16.37 -23.45 -4.28
N SER B 300 -17.47 -24.19 -4.38
CA SER B 300 -17.41 -25.53 -4.95
C SER B 300 -17.22 -25.50 -6.45
N VAL B 301 -17.79 -24.49 -7.13
CA VAL B 301 -17.52 -24.30 -8.55
C VAL B 301 -16.03 -24.07 -8.76
N LEU B 302 -15.45 -23.10 -8.04
CA LEU B 302 -14.03 -22.85 -8.15
C LEU B 302 -13.23 -24.11 -7.84
N TYR B 303 -13.60 -24.81 -6.76
CA TYR B 303 -12.98 -26.10 -6.45
C TYR B 303 -12.96 -27.00 -7.68
N LYS B 304 -14.09 -27.10 -8.36
CA LYS B 304 -14.17 -27.98 -9.52
C LYS B 304 -13.20 -27.53 -10.61
N HIS B 305 -13.16 -26.23 -10.90
CA HIS B 305 -12.28 -25.74 -11.95
C HIS B 305 -10.81 -26.00 -11.62
N VAL B 306 -10.40 -25.68 -10.39
CA VAL B 306 -9.03 -25.92 -9.97
C VAL B 306 -8.75 -27.42 -9.95
N ARG B 307 -9.65 -28.20 -9.36
CA ARG B 307 -9.42 -29.63 -9.16
C ARG B 307 -9.07 -30.33 -10.46
N TYR B 308 -9.68 -29.93 -11.57
CA TYR B 308 -9.56 -30.66 -12.82
C TYR B 308 -8.77 -29.92 -13.89
N GLY B 309 -8.21 -28.76 -13.57
CA GLY B 309 -7.26 -28.11 -14.45
C GLY B 309 -7.84 -27.18 -15.49
N ASN B 310 -8.98 -26.53 -15.21
CA ASN B 310 -9.63 -25.63 -16.16
C ASN B 310 -9.23 -24.21 -15.82
N ILE B 311 -8.19 -23.70 -16.51
CA ILE B 311 -7.74 -22.32 -16.29
C ILE B 311 -8.84 -21.34 -16.66
N GLN B 312 -9.47 -21.56 -17.81
CA GLN B 312 -10.54 -20.66 -18.26
C GLN B 312 -11.63 -20.57 -17.20
N GLY B 313 -11.98 -21.69 -16.57
CA GLY B 313 -13.01 -21.67 -15.54
C GLY B 313 -12.60 -20.87 -14.31
N VAL B 314 -11.32 -20.98 -13.92
CA VAL B 314 -10.84 -20.19 -12.79
C VAL B 314 -10.95 -18.71 -13.10
N SER B 315 -10.48 -18.29 -14.28
CA SER B 315 -10.54 -16.88 -14.66
C SER B 315 -11.98 -16.40 -14.72
N LEU B 316 -12.87 -17.19 -15.33
CA LEU B 316 -14.27 -16.83 -15.36
C LEU B 316 -14.83 -16.68 -13.94
N TRP B 317 -14.46 -17.59 -13.05
CA TRP B 317 -14.95 -17.51 -11.68
C TRP B 317 -14.45 -16.24 -10.99
N LEU B 318 -13.14 -15.98 -11.08
CA LEU B 318 -12.60 -14.75 -10.50
C LEU B 318 -13.26 -13.52 -11.09
N ARG B 319 -13.44 -13.50 -12.42
CA ARG B 319 -14.11 -12.38 -13.07
C ARG B 319 -15.49 -12.16 -12.49
N GLN B 320 -16.29 -13.23 -12.38
CA GLN B 320 -17.64 -13.09 -11.85
C GLN B 320 -17.64 -12.64 -10.40
N ASN B 321 -16.60 -13.01 -9.64
CA ASN B 321 -16.53 -12.71 -8.22
C ASN B 321 -15.61 -11.53 -7.93
N GLU B 322 -15.24 -10.76 -8.95
CA GLU B 322 -14.16 -9.78 -8.82
C GLU B 322 -14.42 -8.80 -7.70
N ARG B 323 -15.62 -8.22 -7.66
CA ARG B 323 -15.87 -7.08 -6.78
C ARG B 323 -15.65 -7.44 -5.32
N HIS B 324 -16.37 -8.44 -4.82
CA HIS B 324 -16.23 -8.79 -3.40
C HIS B 324 -14.86 -9.37 -3.11
N LEU B 325 -14.23 -10.00 -4.10
CA LEU B 325 -12.86 -10.49 -3.89
C LEU B 325 -11.89 -9.33 -3.69
N CYS B 326 -12.03 -8.26 -4.48
CA CYS B 326 -11.20 -7.09 -4.26
C CYS B 326 -11.46 -6.49 -2.88
N ALA B 327 -12.72 -6.44 -2.45
CA ALA B 327 -13.06 -5.86 -1.16
C ALA B 327 -12.38 -6.59 -0.01
N ARG B 328 -12.16 -7.90 -0.17
CA ARG B 328 -11.48 -8.70 0.84
C ARG B 328 -10.03 -8.96 0.46
N GLN B 329 -9.48 -8.19 -0.48
CA GLN B 329 -8.06 -8.27 -0.82
C GLN B 329 -7.67 -9.67 -1.29
N LEU B 330 -8.60 -10.37 -1.94
CA LEU B 330 -8.41 -11.75 -2.35
C LEU B 330 -8.21 -11.92 -3.85
N LEU B 331 -8.54 -10.92 -4.67
CA LEU B 331 -8.54 -11.15 -6.11
C LEU B 331 -7.13 -11.38 -6.63
N ILE B 332 -6.19 -10.47 -6.34
CA ILE B 332 -4.86 -10.56 -6.94
C ILE B 332 -4.19 -11.86 -6.54
N VAL B 333 -4.20 -12.18 -5.24
CA VAL B 333 -3.47 -13.37 -4.77
C VAL B 333 -4.04 -14.63 -5.42
N LEU B 334 -5.35 -14.69 -5.61
CA LEU B 334 -5.95 -15.84 -6.29
C LEU B 334 -5.63 -15.82 -7.77
N LEU B 335 -5.76 -14.66 -8.41
CA LEU B 335 -5.39 -14.53 -9.82
C LEU B 335 -3.98 -15.04 -10.05
N GLU B 336 -3.08 -14.82 -9.09
CA GLU B 336 -1.67 -15.13 -9.28
C GLU B 336 -1.37 -16.59 -8.95
N LYS B 337 -1.97 -17.12 -7.90
CA LYS B 337 -1.47 -18.34 -7.26
C LYS B 337 -2.38 -19.54 -7.44
N LEU B 338 -3.61 -19.36 -7.90
CA LEU B 338 -4.47 -20.49 -8.25
C LEU B 338 -3.97 -21.17 -9.52
N PRO B 339 -3.50 -20.42 -10.52
CA PRO B 339 -3.12 -21.08 -11.79
C PRO B 339 -2.25 -22.32 -11.62
N MET B 340 -1.13 -22.22 -10.91
CA MET B 340 -0.18 -23.32 -10.88
C MET B 340 -0.74 -24.55 -10.18
N VAL B 341 -1.69 -24.37 -9.26
CA VAL B 341 -2.42 -25.53 -8.74
C VAL B 341 -3.31 -26.10 -9.82
N THR B 342 -3.94 -25.23 -10.61
CA THR B 342 -4.79 -25.70 -11.70
C THR B 342 -3.97 -26.37 -12.79
N TYR B 343 -2.85 -25.75 -13.17
CA TYR B 343 -1.92 -26.36 -14.11
C TYR B 343 -1.49 -27.74 -13.62
N ARG B 344 -1.06 -27.82 -12.37
CA ARG B 344 -0.63 -29.09 -11.79
C ARG B 344 -1.69 -30.16 -12.00
N ASN B 345 -2.96 -29.83 -11.74
CA ASN B 345 -4.03 -30.80 -11.90
C ASN B 345 -4.29 -31.08 -13.37
N LEU B 346 -4.17 -30.06 -14.22
CA LEU B 346 -4.31 -30.29 -15.65
C LEU B 346 -3.32 -31.36 -16.13
N ILE B 347 -2.03 -31.11 -15.97
CA ILE B 347 -1.03 -32.07 -16.42
C ILE B 347 -1.05 -33.34 -15.59
N LYS B 348 -1.58 -33.27 -14.37
CA LYS B 348 -1.80 -34.48 -13.58
C LYS B 348 -2.67 -35.47 -14.33
N THR B 349 -3.82 -35.02 -14.81
CA THR B 349 -4.70 -35.89 -15.59
C THR B 349 -4.00 -36.34 -16.87
N VAL B 350 -3.32 -35.42 -17.57
CA VAL B 350 -2.61 -35.76 -18.79
C VAL B 350 -1.63 -36.90 -18.52
N ILE B 351 -0.77 -36.72 -17.51
CA ILE B 351 0.25 -37.73 -17.22
C ILE B 351 -0.39 -39.02 -16.76
N LYS B 352 -1.58 -38.96 -16.16
CA LYS B 352 -2.23 -40.17 -15.69
C LYS B 352 -2.59 -41.09 -16.85
N SER B 353 -3.36 -40.58 -17.81
CA SER B 353 -3.79 -41.41 -18.92
C SER B 353 -2.67 -41.62 -19.94
N TRP B 354 -1.75 -40.66 -20.06
CA TRP B 354 -0.71 -40.74 -21.10
C TRP B 354 0.46 -41.60 -20.64
N THR B 355 0.90 -41.44 -19.39
CA THR B 355 2.04 -42.18 -18.86
C THR B 355 1.60 -43.41 -18.06
N THR B 356 0.83 -43.20 -16.99
CA THR B 356 0.45 -44.32 -16.14
C THR B 356 -0.37 -45.36 -16.91
N GLU B 357 -1.34 -44.90 -17.70
CA GLU B 357 -2.21 -45.82 -18.41
C GLU B 357 -1.58 -46.30 -19.72
N TRP B 358 -1.29 -45.38 -20.63
CA TRP B 358 -0.80 -45.73 -21.95
C TRP B 358 0.70 -45.98 -21.99
N GLY B 359 1.40 -45.82 -20.87
CA GLY B 359 2.80 -46.16 -20.78
C GLY B 359 3.69 -45.39 -21.74
N GLN B 360 3.50 -44.07 -21.81
CA GLN B 360 4.35 -43.21 -22.62
C GLN B 360 5.16 -42.31 -21.70
N ASN B 361 6.49 -42.46 -21.76
CA ASN B 361 7.39 -41.73 -20.86
C ASN B 361 7.57 -40.28 -21.27
N LYS B 362 7.51 -39.99 -22.57
CA LYS B 362 7.85 -38.69 -23.11
C LYS B 362 6.60 -37.86 -23.34
N LEU B 363 6.63 -36.60 -22.90
CA LEU B 363 5.53 -35.68 -23.12
C LEU B 363 5.92 -34.70 -24.23
N PRO B 364 5.41 -34.85 -25.45
CA PRO B 364 5.70 -33.85 -26.49
C PRO B 364 5.00 -32.54 -26.17
N TYR B 365 5.70 -31.43 -26.42
CA TYR B 365 5.12 -30.11 -26.19
C TYR B 365 3.81 -29.96 -26.95
N SER B 366 3.76 -30.48 -28.17
CA SER B 366 2.55 -30.37 -28.98
C SER B 366 1.33 -30.90 -28.22
N LEU B 367 1.50 -32.03 -27.53
CA LEU B 367 0.40 -32.58 -26.74
C LEU B 367 -0.06 -31.59 -25.67
N ILE B 368 0.89 -31.07 -24.89
CA ILE B 368 0.53 -30.17 -23.80
C ILE B 368 -0.05 -28.88 -24.35
N GLU B 369 0.41 -28.43 -25.53
CA GLU B 369 -0.20 -27.25 -26.14
C GLU B 369 -1.68 -27.50 -26.44
N ARG B 370 -2.00 -28.68 -26.98
CA ARG B 370 -3.40 -29.04 -27.19
C ARG B 370 -4.17 -29.03 -25.88
N VAL B 371 -3.59 -29.60 -24.83
CA VAL B 371 -4.24 -29.59 -23.53
C VAL B 371 -4.46 -28.16 -23.05
N LEU B 372 -3.42 -27.33 -23.16
CA LEU B 372 -3.56 -25.94 -22.74
C LEU B 372 -4.57 -25.20 -23.60
N GLN B 373 -4.63 -25.50 -24.90
CA GLN B 373 -5.66 -24.92 -25.74
C GLN B 373 -7.04 -25.11 -25.14
N LEU B 374 -7.32 -26.34 -24.68
CA LEU B 374 -8.63 -26.63 -24.08
C LEU B 374 -8.78 -25.93 -22.74
N SER B 375 -7.71 -25.86 -21.94
CA SER B 375 -7.81 -25.33 -20.60
C SER B 375 -7.85 -23.81 -20.59
N ILE B 376 -7.01 -23.16 -21.40
CA ILE B 376 -6.93 -21.71 -21.39
C ILE B 376 -8.13 -21.09 -22.09
N GLY B 377 -8.40 -21.52 -23.32
CA GLY B 377 -9.49 -20.97 -24.09
C GLY B 377 -9.08 -19.72 -24.85
N PRO B 378 -9.62 -18.55 -24.49
CA PRO B 378 -9.27 -17.33 -25.21
C PRO B 378 -8.13 -16.55 -24.55
N THR B 379 -7.43 -15.79 -25.38
CA THR B 379 -6.28 -15.01 -24.93
C THR B 379 -6.34 -13.63 -25.59
N PHE B 380 -5.60 -12.68 -24.99
CA PHE B 380 -5.54 -11.32 -25.51
C PHE B 380 -5.27 -11.29 -27.01
N GLU B 381 -4.46 -12.24 -27.51
CA GLU B 381 -4.15 -12.25 -28.93
C GLU B 381 -5.33 -12.73 -29.77
N ASP B 382 -6.14 -13.64 -29.24
CA ASP B 382 -7.18 -14.29 -30.03
C ASP B 382 -8.21 -13.26 -30.52
N PRO B 383 -8.94 -13.59 -31.58
CA PRO B 383 -10.04 -12.73 -32.01
C PRO B 383 -11.16 -12.69 -31.00
N GLY B 384 -11.87 -11.56 -30.97
CA GLY B 384 -12.91 -11.34 -29.99
C GLY B 384 -12.42 -10.86 -28.64
N ALA B 385 -11.11 -10.70 -28.47
CA ALA B 385 -10.51 -10.22 -27.23
C ALA B 385 -9.59 -9.05 -27.56
N GLN B 386 -10.20 -7.96 -28.05
CA GLN B 386 -9.43 -6.83 -28.54
C GLN B 386 -8.62 -6.17 -27.42
N GLU B 387 -9.17 -6.13 -26.21
CA GLU B 387 -8.56 -5.42 -25.10
C GLU B 387 -7.98 -6.41 -24.10
N ILE B 388 -6.81 -6.09 -23.55
CA ILE B 388 -6.16 -6.99 -22.61
C ILE B 388 -6.87 -6.93 -21.27
N THR B 389 -6.95 -8.08 -20.61
CA THR B 389 -7.56 -8.20 -19.30
C THR B 389 -6.67 -9.10 -18.46
N ILE B 390 -6.79 -8.96 -17.13
CA ILE B 390 -6.12 -9.88 -16.22
C ILE B 390 -6.62 -11.31 -16.38
N TYR B 391 -7.71 -11.52 -17.11
CA TYR B 391 -8.29 -12.85 -17.29
C TYR B 391 -7.95 -13.48 -18.63
N ASN B 392 -7.49 -12.69 -19.60
CA ASN B 392 -7.07 -13.22 -20.89
C ASN B 392 -5.64 -12.89 -21.25
N GLY B 393 -4.94 -12.07 -20.45
CA GLY B 393 -3.64 -11.56 -20.80
C GLY B 393 -2.46 -12.23 -20.15
N ILE B 394 -2.68 -13.22 -19.28
CA ILE B 394 -1.62 -13.85 -18.51
C ILE B 394 -1.28 -15.24 -19.06
N HIS B 395 -2.29 -16.08 -19.27
CA HIS B 395 -2.08 -17.46 -19.63
C HIS B 395 -2.25 -17.65 -21.13
N SER B 396 -1.30 -18.32 -21.76
CA SER B 396 -1.34 -18.59 -23.19
C SER B 396 -0.99 -20.04 -23.46
N PRO B 397 -1.73 -20.73 -24.33
CA PRO B 397 -1.36 -22.11 -24.69
C PRO B 397 0.00 -22.23 -25.36
N LYS B 398 0.53 -21.15 -25.95
CA LYS B 398 1.79 -21.24 -26.67
C LYS B 398 2.96 -21.52 -25.73
N ASN B 399 2.87 -21.08 -24.48
CA ASN B 399 4.01 -21.16 -23.56
C ASN B 399 3.99 -22.47 -22.77
N VAL B 400 4.06 -23.56 -23.52
CA VAL B 400 4.06 -24.90 -22.92
C VAL B 400 5.27 -25.06 -22.01
N GLU B 401 6.46 -24.79 -22.54
CA GLU B 401 7.68 -25.01 -21.77
C GLU B 401 7.66 -24.20 -20.48
N ASN B 402 7.31 -22.93 -20.57
CA ASN B 402 7.26 -22.07 -19.39
C ASN B 402 6.40 -22.72 -18.29
N VAL B 403 5.18 -23.13 -18.65
CA VAL B 403 4.30 -23.75 -17.66
C VAL B 403 4.99 -24.92 -16.99
N LEU B 404 5.56 -25.82 -17.80
CA LEU B 404 6.22 -27.00 -17.24
C LEU B 404 7.42 -26.61 -16.39
N VAL B 405 8.19 -25.61 -16.84
CA VAL B 405 9.36 -25.17 -16.09
C VAL B 405 8.96 -24.73 -14.68
N THR B 406 7.90 -23.93 -14.57
CA THR B 406 7.50 -23.44 -13.26
C THR B 406 6.91 -24.55 -12.41
N LEU B 407 6.12 -25.44 -13.02
CA LEU B 407 5.64 -26.61 -12.29
C LEU B 407 6.80 -27.40 -11.69
N ILE B 408 7.87 -27.57 -12.46
CA ILE B 408 9.03 -28.31 -11.97
C ILE B 408 9.76 -27.52 -10.90
N ASN B 409 9.85 -26.21 -11.06
CA ASN B 409 10.59 -25.39 -10.11
C ASN B 409 9.85 -25.25 -8.80
N LEU B 410 8.51 -25.27 -8.83
CA LEU B 410 7.72 -25.31 -7.61
C LEU B 410 7.67 -26.71 -6.99
N GLY B 411 8.29 -27.71 -7.63
CA GLY B 411 8.26 -29.06 -7.12
C GLY B 411 6.95 -29.79 -7.32
N LEU B 412 6.05 -29.26 -8.14
CA LEU B 412 4.76 -29.89 -8.38
C LEU B 412 4.81 -30.94 -9.47
N LEU B 413 5.82 -30.89 -10.34
CA LEU B 413 6.02 -31.88 -11.38
C LEU B 413 7.47 -32.32 -11.36
N ARG B 414 7.69 -33.62 -11.18
CA ARG B 414 9.04 -34.19 -11.23
C ARG B 414 9.31 -34.64 -12.65
N ALA B 415 10.11 -33.87 -13.38
CA ALA B 415 10.33 -34.14 -14.79
C ALA B 415 11.60 -33.43 -15.25
N ASN B 416 12.20 -33.99 -16.29
CA ASN B 416 13.26 -33.34 -17.06
C ASN B 416 12.68 -32.84 -18.37
N CYS B 417 13.24 -31.75 -18.88
CA CYS B 417 12.76 -31.14 -20.10
C CYS B 417 13.89 -31.01 -21.12
N PHE B 418 13.53 -31.11 -22.38
CA PHE B 418 14.46 -31.10 -23.50
C PHE B 418 14.00 -30.05 -24.49
N PRO B 419 14.51 -28.81 -24.39
CA PRO B 419 13.97 -27.75 -25.26
C PRO B 419 14.22 -27.99 -26.74
N GLN B 420 15.36 -28.58 -27.10
CA GLN B 420 15.66 -28.84 -28.50
C GLN B 420 14.99 -30.10 -29.01
N LEU B 421 14.53 -30.97 -28.11
CA LEU B 421 13.63 -32.05 -28.48
C LEU B 421 12.16 -31.69 -28.29
N GLN B 422 11.88 -30.54 -27.67
CA GLN B 422 10.52 -30.09 -27.43
C GLN B 422 9.69 -31.18 -26.77
N LEU B 423 10.19 -31.69 -25.65
CA LEU B 423 9.45 -32.65 -24.84
C LEU B 423 10.04 -32.64 -23.43
N CYS B 424 9.26 -33.14 -22.48
CA CYS B 424 9.72 -33.37 -21.13
C CYS B 424 9.48 -34.82 -20.75
N VAL B 425 10.44 -35.41 -20.05
CA VAL B 425 10.43 -36.82 -19.70
C VAL B 425 10.10 -36.95 -18.22
N VAL B 426 9.11 -37.78 -17.91
CA VAL B 426 8.81 -38.15 -16.54
C VAL B 426 9.36 -39.55 -16.31
N LYS B 427 9.30 -40.00 -15.05
CA LYS B 427 9.77 -41.34 -14.73
C LYS B 427 8.73 -42.38 -15.16
N LYS B 428 9.20 -43.44 -15.80
CA LYS B 428 8.31 -44.50 -16.27
C LYS B 428 7.81 -45.28 -15.07
N THR B 429 6.56 -45.03 -14.70
CA THR B 429 5.98 -45.68 -13.52
C THR B 429 4.47 -45.70 -13.66
N THR B 430 3.85 -46.58 -12.89
CA THR B 430 2.40 -46.66 -12.81
C THR B 430 1.84 -45.85 -11.65
N MET B 431 2.69 -45.30 -10.78
CA MET B 431 2.25 -44.56 -9.60
C MET B 431 2.29 -43.08 -9.93
N ILE B 432 1.12 -42.48 -10.11
CA ILE B 432 1.06 -41.08 -10.55
C ILE B 432 1.69 -40.17 -9.52
N GLN B 433 1.53 -40.47 -8.23
CA GLN B 433 2.03 -39.58 -7.19
C GLN B 433 3.55 -39.47 -7.25
N GLU B 434 4.24 -40.45 -7.83
CA GLU B 434 5.69 -40.35 -8.00
C GLU B 434 6.06 -39.24 -8.97
N ILE B 435 5.21 -38.97 -9.96
CA ILE B 435 5.46 -37.92 -10.93
C ILE B 435 4.89 -36.58 -10.46
N VAL B 436 3.68 -36.61 -9.92
CA VAL B 436 2.99 -35.42 -9.44
C VAL B 436 2.69 -35.62 -7.96
N PRO B 437 3.57 -35.18 -7.06
CA PRO B 437 3.34 -35.44 -5.63
C PRO B 437 2.20 -34.61 -5.09
N PRO B 438 1.70 -34.92 -3.90
CA PRO B 438 0.61 -34.11 -3.31
C PRO B 438 1.01 -32.65 -3.21
N VAL B 439 0.11 -31.77 -3.65
CA VAL B 439 0.44 -30.35 -3.78
C VAL B 439 0.80 -29.77 -2.41
N ASN B 440 -0.07 -29.97 -1.42
CA ASN B 440 0.09 -29.26 -0.16
C ASN B 440 1.45 -29.54 0.47
N GLU B 441 1.81 -30.82 0.56
CA GLU B 441 3.10 -31.20 1.14
C GLU B 441 4.24 -30.47 0.44
N ARG B 442 4.23 -30.47 -0.90
CA ARG B 442 5.28 -29.78 -1.64
C ARG B 442 5.33 -28.30 -1.27
N ILE B 443 4.22 -27.60 -1.43
CA ILE B 443 4.20 -26.15 -1.19
C ILE B 443 4.65 -25.86 0.25
N THR B 444 4.08 -26.56 1.22
CA THR B 444 4.38 -26.26 2.61
C THR B 444 5.83 -26.61 2.96
N LYS B 445 6.43 -27.57 2.26
CA LYS B 445 7.84 -27.86 2.50
C LYS B 445 8.73 -26.79 1.90
N MET B 446 8.34 -26.26 0.73
CA MET B 446 9.08 -25.16 0.13
C MET B 446 8.87 -23.85 0.89
N PHE B 447 7.71 -23.65 1.50
CA PHE B 447 7.37 -22.41 2.19
C PHE B 447 6.93 -22.72 3.62
N PRO B 448 7.85 -23.21 4.46
CA PRO B 448 7.47 -23.52 5.85
C PRO B 448 6.97 -22.28 6.55
N ALA B 449 5.81 -22.42 7.19
CA ALA B 449 5.22 -21.31 7.92
C ALA B 449 5.77 -21.25 9.34
N HIS B 450 5.61 -20.09 9.97
CA HIS B 450 5.96 -19.97 11.38
C HIS B 450 5.01 -20.79 12.23
N SER B 451 5.49 -21.18 13.41
CA SER B 451 4.74 -22.08 14.28
C SER B 451 3.28 -21.63 14.40
N HIS B 452 2.36 -22.52 13.99
CA HIS B 452 0.94 -22.20 14.06
C HIS B 452 0.55 -21.78 15.47
N VAL B 453 1.04 -22.50 16.49
CA VAL B 453 0.95 -22.04 17.86
C VAL B 453 2.06 -21.03 18.08
N LEU B 454 1.69 -19.75 18.21
CA LEU B 454 2.69 -18.69 18.28
C LEU B 454 3.71 -18.98 19.37
N TRP B 455 3.25 -19.26 20.58
CA TRP B 455 4.14 -19.62 21.67
C TRP B 455 3.34 -20.15 22.86
N LYS C 27 -26.60 -3.08 9.70
CA LYS C 27 -26.22 -3.72 8.44
C LYS C 27 -24.70 -3.75 8.30
N SER C 28 -24.04 -2.64 8.64
CA SER C 28 -22.60 -2.55 8.48
C SER C 28 -21.87 -3.50 9.41
N LEU C 29 -22.37 -3.67 10.64
CA LEU C 29 -21.69 -4.52 11.61
C LEU C 29 -21.69 -5.98 11.23
N GLU C 30 -22.64 -6.42 10.39
CA GLU C 30 -22.75 -7.83 10.03
C GLU C 30 -22.00 -8.19 8.75
N GLU C 31 -21.78 -7.23 7.86
CA GLU C 31 -21.05 -7.48 6.62
C GLU C 31 -19.57 -7.10 6.71
N ASP C 32 -19.19 -6.28 7.69
CA ASP C 32 -17.81 -5.84 7.81
C ASP C 32 -16.89 -7.00 8.16
N ASP C 33 -15.65 -6.91 7.68
CA ASP C 33 -14.67 -7.96 7.99
C ASP C 33 -14.22 -7.92 9.44
N GLU C 34 -14.43 -6.82 10.16
CA GLU C 34 -14.05 -6.76 11.56
C GLU C 34 -14.92 -7.70 12.37
N PHE C 35 -14.31 -8.39 13.33
CA PHE C 35 -15.06 -9.28 14.20
C PHE C 35 -16.08 -8.49 15.00
N GLU C 36 -17.25 -9.08 15.20
CA GLU C 36 -18.23 -8.53 16.11
C GLU C 36 -17.91 -8.90 17.54
N ASP C 37 -18.30 -8.03 18.46
CA ASP C 37 -18.16 -8.31 19.89
C ASP C 37 -19.25 -9.26 20.34
N PHE C 38 -18.88 -10.16 21.25
CA PHE C 38 -19.83 -11.04 21.91
C PHE C 38 -19.42 -11.18 23.36
N PRO C 39 -20.38 -11.33 24.28
CA PRO C 39 -20.00 -11.56 25.68
C PRO C 39 -19.33 -12.92 25.85
N ILE C 40 -18.13 -12.90 26.42
CA ILE C 40 -17.38 -14.13 26.64
C ILE C 40 -18.02 -14.89 27.81
N ASP C 41 -17.93 -16.21 27.74
CA ASP C 41 -18.41 -17.05 28.84
C ASP C 41 -17.36 -17.16 29.93
N THR C 57 -10.86 -32.56 15.56
CA THR C 57 -11.82 -32.26 14.51
C THR C 57 -11.11 -32.06 13.17
N ASN C 58 -11.63 -32.70 12.13
CA ASN C 58 -11.02 -32.67 10.80
C ASN C 58 -11.95 -31.96 9.84
N ILE C 59 -11.46 -30.90 9.21
CA ILE C 59 -12.25 -30.09 8.29
C ILE C 59 -11.72 -30.14 6.86
N TRP C 60 -10.58 -30.79 6.62
CA TRP C 60 -9.93 -30.78 5.32
C TRP C 60 -10.00 -32.15 4.68
N GLU C 61 -10.25 -32.17 3.37
CA GLU C 61 -10.21 -33.42 2.62
C GLU C 61 -8.85 -34.07 2.76
N GLU C 62 -8.82 -35.30 3.26
CA GLU C 62 -7.57 -36.01 3.44
C GLU C 62 -6.74 -35.99 2.16
N ASN C 63 -7.38 -36.18 1.02
CA ASN C 63 -6.72 -36.08 -0.27
C ASN C 63 -7.79 -36.06 -1.36
N TRP C 64 -7.57 -35.24 -2.37
CA TRP C 64 -8.50 -35.12 -3.49
C TRP C 64 -7.93 -35.68 -4.78
N ASP C 65 -6.67 -36.16 -4.76
CA ASP C 65 -6.12 -36.83 -5.94
C ASP C 65 -6.66 -38.25 -6.07
N ASP C 66 -6.96 -38.91 -4.95
CA ASP C 66 -7.48 -40.27 -5.00
C ASP C 66 -8.98 -40.29 -5.28
N VAL C 67 -9.71 -39.32 -4.76
CA VAL C 67 -11.16 -39.27 -4.94
C VAL C 67 -11.45 -38.66 -6.31
N GLU C 68 -11.51 -39.51 -7.34
CA GLU C 68 -11.64 -39.06 -8.72
C GLU C 68 -13.08 -39.20 -9.18
N VAL C 69 -13.68 -38.10 -9.60
CA VAL C 69 -15.06 -38.05 -10.09
C VAL C 69 -15.03 -37.54 -11.52
N ASP C 70 -15.61 -38.32 -12.44
CA ASP C 70 -15.63 -37.95 -13.84
C ASP C 70 -16.29 -36.59 -14.02
N ASP C 71 -15.52 -35.62 -14.51
CA ASP C 71 -15.99 -34.26 -14.70
C ASP C 71 -16.21 -33.97 -16.17
N ASP C 72 -17.12 -33.03 -16.44
CA ASP C 72 -17.40 -32.63 -17.82
C ASP C 72 -16.13 -32.16 -18.52
N PHE C 73 -15.45 -31.17 -17.94
CA PHE C 73 -14.20 -30.70 -18.52
C PHE C 73 -13.19 -31.83 -18.68
N THR C 74 -13.15 -32.75 -17.70
CA THR C 74 -12.23 -33.88 -17.79
C THR C 74 -12.60 -34.79 -18.94
N ASN C 75 -13.91 -34.97 -19.18
CA ASN C 75 -14.34 -35.79 -20.31
C ASN C 75 -13.86 -35.22 -21.64
N GLU C 76 -13.99 -33.90 -21.81
CA GLU C 76 -13.50 -33.27 -23.03
C GLU C 76 -11.98 -33.34 -23.10
N LEU C 77 -11.30 -33.28 -21.96
CA LEU C 77 -9.85 -33.40 -21.95
C LEU C 77 -9.42 -34.80 -22.36
N LYS C 78 -10.01 -35.83 -21.76
CA LYS C 78 -9.71 -37.21 -22.17
C LYS C 78 -10.01 -37.40 -23.66
N ALA C 79 -11.10 -36.81 -24.15
CA ALA C 79 -11.41 -36.90 -25.57
C ALA C 79 -10.33 -36.24 -26.41
N GLU C 80 -9.79 -35.11 -25.94
CA GLU C 80 -8.70 -34.47 -26.66
C GLU C 80 -7.44 -35.32 -26.64
N LEU C 81 -7.22 -36.07 -25.55
CA LEU C 81 -6.10 -37.00 -25.50
C LEU C 81 -6.31 -38.16 -26.47
N ASP C 82 -7.56 -38.62 -26.61
CA ASP C 82 -7.87 -39.66 -27.58
C ASP C 82 -7.64 -39.16 -29.00
N ARG C 83 -8.20 -37.99 -29.34
CA ARG C 83 -8.03 -37.43 -30.67
C ARG C 83 -6.55 -37.22 -30.99
N TYR C 84 -5.78 -36.69 -30.03
CA TYR C 84 -4.35 -36.49 -30.25
C TYR C 84 -3.63 -37.83 -30.43
N LYS C 85 -3.97 -38.83 -29.62
CA LYS C 85 -3.35 -40.14 -29.75
C LYS C 85 -3.64 -40.75 -31.11
N ARG C 86 -4.84 -40.53 -31.65
CA ARG C 86 -5.22 -41.14 -32.92
C ARG C 86 -4.62 -40.39 -34.11
N GLU C 87 -4.53 -39.06 -34.03
CA GLU C 87 -3.98 -38.30 -35.14
C GLU C 87 -2.46 -38.39 -35.19
N ASN C 88 -1.81 -38.76 -34.09
CA ASN C 88 -0.36 -38.89 -34.03
C ASN C 88 0.02 -40.35 -33.86
N GLN C 89 1.03 -40.78 -34.62
CA GLN C 89 1.54 -42.14 -34.55
C GLN C 89 1.78 -42.57 -33.09
#